data_6JXS
#
_entry.id   6JXS
#
_cell.length_a   48.274
_cell.length_b   104.214
_cell.length_c   87.724
_cell.angle_alpha   90.00
_cell.angle_beta   92.13
_cell.angle_gamma   90.00
#
_symmetry.space_group_name_H-M   'P 1 21 1'
#
loop_
_entity.id
_entity.type
_entity.pdbx_description
1 polymer 'FMN-dependent NADH-azoreductase'
2 non-polymer 'FLAVIN MONONUCLEOTIDE'
3 non-polymer 3,6,9,12,15,18,21-HEPTAOXATRICOSANE-1,23-DIOL
4 water water
#
_entity_poly.entity_id   1
_entity_poly.type   'polypeptide(L)'
_entity_poly.pdbx_seq_one_letter_code
;MGSSHHHHHHSSGLVPRGSHMAKVLYITAHPLDETQSYSMAVGKAFIDTYKEVNPNDEVIHIDLYKENIPQIDADVFSGW
GKLQSGKGFEELTAEEKAKVGRLAELSDQFVAADKYVFVTPMWNFSFPPVMKAYIDSVAVAGKTFKYTEQGSVGLLTDKK
ALHIQASGGIFSEGPAAEMEMGHRYLQAIMNFFGVPSFEGLFVEGQNAMPDKAQEIKEKAIARAKDLAHTF
;
_entity_poly.pdbx_strand_id   A,B,C,D
#
loop_
_chem_comp.id
_chem_comp.type
_chem_comp.name
_chem_comp.formula
FMN non-polymer 'FLAVIN MONONUCLEOTIDE' 'C17 H21 N4 O9 P'
PE8 non-polymer 3,6,9,12,15,18,21-HEPTAOXATRICOSANE-1,23-DIOL 'C16 H34 O9'
#
# COMPACT_ATOMS: atom_id res chain seq x y z
N MET A 21 -5.06 -16.25 3.98
CA MET A 21 -6.52 -16.19 3.96
C MET A 21 -7.17 -15.11 3.03
N ALA A 22 -7.96 -14.16 3.47
CA ALA A 22 -8.60 -13.34 2.46
C ALA A 22 -7.76 -12.12 2.05
N LYS A 23 -7.80 -11.78 0.81
CA LYS A 23 -7.14 -10.54 0.32
C LYS A 23 -8.13 -9.35 0.17
N VAL A 24 -7.80 -8.23 0.80
CA VAL A 24 -8.68 -7.07 0.94
C VAL A 24 -7.91 -5.89 0.32
N LEU A 25 -8.49 -5.26 -0.70
CA LEU A 25 -7.91 -4.04 -1.29
C LEU A 25 -8.52 -2.83 -0.60
N TYR A 26 -7.70 -2.09 0.13
CA TYR A 26 -8.10 -0.85 0.82
C TYR A 26 -7.66 0.29 -0.15
N ILE A 27 -8.67 0.73 -0.96
CA ILE A 27 -8.45 1.60 -2.07
C ILE A 27 -8.80 3.04 -1.70
N THR A 28 -7.80 3.91 -1.62
CA THR A 28 -8.08 5.28 -1.22
C THR A 28 -7.84 6.26 -2.36
N ALA A 29 -8.75 7.22 -2.52
CA ALA A 29 -8.60 8.25 -3.57
C ALA A 29 -8.59 9.59 -2.88
N HIS A 30 -7.52 9.86 -2.19
CA HIS A 30 -7.40 11.14 -1.44
C HIS A 30 -5.97 11.56 -1.33
N PRO A 31 -5.66 12.80 -1.76
CA PRO A 31 -4.25 13.22 -1.63
C PRO A 31 -3.87 13.63 -0.22
N LEU A 32 -4.83 13.79 0.68
CA LEU A 32 -4.54 14.06 2.10
C LEU A 32 -4.59 12.80 2.98
N ASP A 33 -4.21 12.97 4.25
CA ASP A 33 -4.14 11.84 5.17
C ASP A 33 -5.27 11.84 6.16
N GLU A 34 -5.27 10.83 7.00
CA GLU A 34 -6.35 10.65 7.91
C GLU A 34 -6.48 11.76 8.92
N THR A 35 -5.44 12.59 9.14
CA THR A 35 -5.55 13.77 10.01
C THR A 35 -6.33 14.94 9.41
N GLN A 36 -6.43 15.02 8.08
CA GLN A 36 -7.06 16.11 7.38
C GLN A 36 -8.35 15.79 6.61
N SER A 37 -8.74 14.53 6.57
CA SER A 37 -9.85 14.07 5.67
C SER A 37 -10.82 13.26 6.54
N TYR A 38 -12.12 13.55 6.41
CA TYR A 38 -13.12 12.75 7.13
C TYR A 38 -13.21 11.31 6.57
N SER A 39 -13.18 11.20 5.24
CA SER A 39 -13.19 9.86 4.62
C SER A 39 -11.97 9.05 5.01
N MET A 40 -10.81 9.66 5.01
CA MET A 40 -9.60 8.91 5.39
C MET A 40 -9.56 8.51 6.85
N ALA A 41 -10.16 9.34 7.71
CA ALA A 41 -10.20 9.05 9.13
C ALA A 41 -11.15 7.87 9.39
N VAL A 42 -12.31 7.91 8.74
CA VAL A 42 -13.26 6.82 8.87
C VAL A 42 -12.72 5.52 8.32
N GLY A 43 -12.12 5.60 7.14
CA GLY A 43 -11.48 4.47 6.50
C GLY A 43 -10.40 3.86 7.40
N LYS A 44 -9.65 4.77 8.01
CA LYS A 44 -8.61 4.35 8.86
C LYS A 44 -9.09 3.53 10.09
N ALA A 45 -10.10 4.04 10.78
CA ALA A 45 -10.75 3.31 11.83
C ALA A 45 -11.29 1.92 11.33
N PHE A 46 -11.90 1.94 10.13
CA PHE A 46 -12.45 0.71 9.54
C PHE A 46 -11.34 -0.34 9.36
N ILE A 47 -10.28 0.06 8.66
CA ILE A 47 -9.31 -0.90 8.22
C ILE A 47 -8.36 -1.33 9.33
N ASP A 48 -8.05 -0.43 10.25
CA ASP A 48 -7.35 -0.79 11.50
C ASP A 48 -8.11 -1.84 12.27
N THR A 49 -9.41 -1.61 12.46
CA THR A 49 -10.24 -2.58 13.19
C THR A 49 -10.37 -3.89 12.39
N TYR A 50 -10.45 -3.80 11.07
CA TYR A 50 -10.56 -4.98 10.21
C TYR A 50 -9.32 -5.90 10.40
N LYS A 51 -8.13 -5.31 10.40
CA LYS A 51 -6.91 -6.11 10.61
C LYS A 51 -6.81 -6.64 12.03
N GLU A 52 -7.34 -5.90 12.99
CA GLU A 52 -7.32 -6.34 14.41
C GLU A 52 -8.13 -7.66 14.53
N VAL A 53 -9.30 -7.67 13.93
CA VAL A 53 -10.27 -8.78 13.94
C VAL A 53 -9.88 -9.96 13.03
N ASN A 54 -9.13 -9.66 11.94
CA ASN A 54 -8.75 -10.63 10.91
C ASN A 54 -7.22 -10.59 10.75
N PRO A 55 -6.49 -10.92 11.81
CA PRO A 55 -5.03 -10.72 11.75
C PRO A 55 -4.32 -11.51 10.65
N ASN A 56 -4.97 -12.56 10.21
CA ASN A 56 -4.42 -13.36 9.14
C ASN A 56 -4.66 -12.79 7.72
N ASP A 57 -5.53 -11.81 7.61
CA ASP A 57 -5.91 -11.40 6.28
C ASP A 57 -4.83 -10.57 5.58
N GLU A 58 -4.84 -10.59 4.25
CA GLU A 58 -3.83 -9.85 3.44
C GLU A 58 -4.47 -8.50 3.10
N VAL A 59 -4.16 -7.48 3.90
CA VAL A 59 -4.78 -6.17 3.68
C VAL A 59 -3.82 -5.24 2.89
N ILE A 60 -4.19 -4.93 1.67
CA ILE A 60 -3.37 -4.15 0.75
C ILE A 60 -3.90 -2.70 0.53
N HIS A 61 -3.20 -1.71 1.03
CA HIS A 61 -3.54 -0.33 0.77
C HIS A 61 -3.11 0.03 -0.66
N ILE A 62 -4.07 0.30 -1.54
CA ILE A 62 -3.84 0.85 -2.86
C ILE A 62 -4.12 2.35 -2.75
N ASP A 63 -3.05 3.12 -2.79
CA ASP A 63 -3.07 4.57 -2.59
C ASP A 63 -3.09 5.19 -3.94
N LEU A 64 -4.26 5.66 -4.38
CA LEU A 64 -4.35 6.10 -5.81
C LEU A 64 -3.65 7.45 -6.03
N TYR A 65 -3.12 8.08 -5.01
CA TYR A 65 -2.32 9.28 -5.27
C TYR A 65 -0.81 9.00 -5.13
N LYS A 66 -0.43 7.76 -4.87
CA LYS A 66 0.98 7.32 -4.88
C LYS A 66 1.29 6.32 -6.00
N GLU A 67 0.38 5.36 -6.22
CA GLU A 67 0.57 4.47 -7.32
C GLU A 67 0.37 5.24 -8.61
N ASN A 68 0.90 4.70 -9.70
CA ASN A 68 0.59 5.16 -11.05
C ASN A 68 -0.65 4.49 -11.55
N ILE A 69 -1.71 5.25 -11.74
CA ILE A 69 -2.96 4.73 -12.32
C ILE A 69 -3.17 5.38 -13.74
N PRO A 70 -2.69 4.74 -14.80
CA PRO A 70 -2.69 5.35 -16.09
C PRO A 70 -4.09 5.56 -16.59
N GLN A 71 -4.38 6.77 -17.04
CA GLN A 71 -5.66 6.96 -17.72
C GLN A 71 -5.52 6.24 -19.10
N ILE A 72 -6.63 5.77 -19.67
CA ILE A 72 -6.58 5.25 -21.02
C ILE A 72 -6.39 6.43 -22.02
N ASP A 73 -5.25 6.38 -22.68
CA ASP A 73 -4.78 7.48 -23.56
C ASP A 73 -4.43 6.94 -24.98
N ALA A 74 -3.81 7.75 -25.82
CA ALA A 74 -3.46 7.30 -27.17
C ALA A 74 -2.47 6.15 -27.11
N ASP A 75 -1.49 6.22 -26.22
CA ASP A 75 -0.55 5.09 -26.06
C ASP A 75 -1.22 3.79 -25.66
N VAL A 76 -2.19 3.86 -24.72
CA VAL A 76 -2.91 2.67 -24.30
C VAL A 76 -3.70 2.08 -25.49
N PHE A 77 -4.42 2.89 -26.24
CA PHE A 77 -5.23 2.37 -27.38
C PHE A 77 -4.26 1.73 -28.43
N SER A 78 -3.22 2.45 -28.71
CA SER A 78 -2.22 1.95 -29.69
C SER A 78 -1.57 0.62 -29.19
N GLY A 79 -1.13 0.56 -27.92
CA GLY A 79 -0.55 -0.66 -27.33
C GLY A 79 -1.50 -1.85 -27.35
N TRP A 80 -2.71 -1.60 -26.84
CA TRP A 80 -3.80 -2.58 -26.95
C TRP A 80 -4.08 -3.03 -28.40
N GLY A 81 -4.16 -2.07 -29.31
CA GLY A 81 -4.41 -2.37 -30.72
C GLY A 81 -3.35 -3.31 -31.28
N LYS A 82 -2.10 -3.04 -30.94
CA LYS A 82 -1.02 -3.96 -31.29
C LYS A 82 -1.17 -5.37 -30.75
N LEU A 83 -1.37 -5.52 -29.44
CA LEU A 83 -1.61 -6.83 -28.85
C LEU A 83 -2.81 -7.54 -29.50
N GLN A 84 -3.87 -6.78 -29.75
CA GLN A 84 -5.09 -7.32 -30.32
C GLN A 84 -4.83 -7.97 -31.67
N SER A 85 -4.00 -7.32 -32.47
CA SER A 85 -3.69 -7.73 -33.79
C SER A 85 -2.53 -8.76 -33.86
N GLY A 86 -2.24 -9.41 -32.75
CA GLY A 86 -1.28 -10.48 -32.71
C GLY A 86 0.15 -10.15 -32.32
N LYS A 87 0.51 -8.89 -32.35
CA LYS A 87 1.81 -8.46 -31.91
C LYS A 87 2.23 -8.85 -30.49
N GLY A 88 3.54 -8.92 -30.26
CA GLY A 88 4.10 -9.27 -28.97
C GLY A 88 4.24 -8.02 -28.12
N PHE A 89 4.15 -8.15 -26.81
CA PHE A 89 4.43 -7.04 -25.92
C PHE A 89 5.78 -6.38 -26.27
N GLU A 90 6.78 -7.19 -26.70
CA GLU A 90 8.12 -6.72 -27.19
C GLU A 90 8.06 -5.59 -28.23
N GLU A 91 7.00 -5.58 -29.02
CA GLU A 91 6.86 -4.70 -30.17
C GLU A 91 6.24 -3.37 -29.77
N LEU A 92 5.66 -3.27 -28.56
CA LEU A 92 5.18 -1.98 -28.10
C LEU A 92 6.34 -1.01 -27.85
N THR A 93 6.08 0.28 -27.93
CA THR A 93 7.06 1.33 -27.55
C THR A 93 7.22 1.28 -26.04
N ALA A 94 8.28 1.94 -25.54
CA ALA A 94 8.55 1.97 -24.10
C ALA A 94 7.32 2.52 -23.32
N GLU A 95 6.77 3.61 -23.82
CA GLU A 95 5.57 4.23 -23.21
C GLU A 95 4.37 3.30 -23.23
N GLU A 96 4.12 2.67 -24.40
CA GLU A 96 3.03 1.72 -24.52
C GLU A 96 3.18 0.60 -23.50
N LYS A 97 4.40 0.03 -23.41
CA LYS A 97 4.63 -1.08 -22.47
C LYS A 97 4.44 -0.65 -21.03
N ALA A 98 4.99 0.50 -20.66
CA ALA A 98 4.83 0.94 -19.29
C ALA A 98 3.34 1.10 -18.91
N LYS A 99 2.56 1.73 -19.77
CA LYS A 99 1.12 1.99 -19.45
C LYS A 99 0.25 0.72 -19.49
N VAL A 100 0.35 0.03 -20.62
CA VAL A 100 -0.29 -1.26 -20.80
C VAL A 100 0.01 -2.27 -19.69
N GLY A 101 1.28 -2.36 -19.27
CA GLY A 101 1.71 -3.35 -18.21
C GLY A 101 1.15 -2.95 -16.84
N ARG A 102 1.10 -1.68 -16.58
CA ARG A 102 0.58 -1.15 -15.35
C ARG A 102 -0.89 -1.48 -15.24
N LEU A 103 -1.58 -1.21 -16.33
CA LEU A 103 -3.06 -1.50 -16.37
C LEU A 103 -3.36 -3.01 -16.19
N ALA A 104 -2.55 -3.86 -16.82
CA ALA A 104 -2.60 -5.28 -16.63
C ALA A 104 -2.34 -5.71 -15.18
N GLU A 105 -1.38 -5.10 -14.50
CA GLU A 105 -1.15 -5.39 -13.07
C GLU A 105 -2.36 -5.00 -12.20
N LEU A 106 -2.91 -3.81 -12.47
CA LEU A 106 -4.08 -3.30 -11.74
C LEU A 106 -5.28 -4.25 -11.90
N SER A 107 -5.50 -4.66 -13.13
CA SER A 107 -6.57 -5.56 -13.51
C SER A 107 -6.46 -6.88 -12.74
N ASP A 108 -5.25 -7.41 -12.76
CA ASP A 108 -4.96 -8.74 -12.17
C ASP A 108 -5.07 -8.74 -10.67
N GLN A 109 -4.61 -7.65 -10.08
CA GLN A 109 -4.69 -7.46 -8.66
C GLN A 109 -6.11 -7.37 -8.14
N PHE A 110 -6.96 -6.68 -8.89
CA PHE A 110 -8.37 -6.54 -8.55
C PHE A 110 -9.11 -7.85 -8.61
N VAL A 111 -8.96 -8.59 -9.70
CA VAL A 111 -9.54 -9.93 -9.74
C VAL A 111 -9.04 -10.92 -8.74
N ALA A 112 -7.76 -10.81 -8.36
CA ALA A 112 -7.18 -11.68 -7.38
C ALA A 112 -7.69 -11.48 -5.97
N ALA A 113 -8.18 -10.29 -5.65
CA ALA A 113 -8.63 -9.99 -4.30
C ALA A 113 -9.98 -10.60 -3.92
N ASP A 114 -10.29 -10.68 -2.63
CA ASP A 114 -11.58 -11.15 -2.20
C ASP A 114 -12.55 -10.03 -1.83
N LYS A 115 -12.02 -8.88 -1.38
CA LYS A 115 -12.89 -7.84 -0.86
C LYS A 115 -12.28 -6.50 -1.27
N TYR A 116 -13.18 -5.53 -1.46
CA TYR A 116 -12.84 -4.15 -1.90
C TYR A 116 -13.37 -3.15 -0.96
N VAL A 117 -12.50 -2.21 -0.52
CA VAL A 117 -12.99 -1.09 0.27
C VAL A 117 -12.61 0.14 -0.51
N PHE A 118 -13.57 0.92 -1.00
CA PHE A 118 -13.26 2.17 -1.68
C PHE A 118 -13.44 3.32 -0.69
N VAL A 119 -12.48 4.22 -0.60
CA VAL A 119 -12.57 5.38 0.24
C VAL A 119 -12.37 6.72 -0.55
N THR A 120 -13.41 7.55 -0.57
CA THR A 120 -13.40 8.76 -1.36
C THR A 120 -14.03 9.97 -0.67
N PRO A 121 -13.49 11.15 -0.94
CA PRO A 121 -14.20 12.37 -0.71
C PRO A 121 -15.24 12.63 -1.83
N MET A 122 -16.36 13.29 -1.50
CA MET A 122 -17.24 13.83 -2.55
C MET A 122 -16.71 15.16 -3.08
N TRP A 123 -16.24 15.17 -4.33
CA TRP A 123 -15.88 16.40 -5.07
C TRP A 123 -16.91 16.60 -6.17
N ASN A 124 -17.66 17.70 -6.13
CA ASN A 124 -18.67 18.01 -7.15
C ASN A 124 -19.55 16.81 -7.44
N PHE A 125 -20.16 16.30 -6.36
CA PHE A 125 -21.11 15.23 -6.40
C PHE A 125 -20.59 13.83 -6.63
N SER A 126 -19.29 13.67 -6.91
CA SER A 126 -18.80 12.36 -7.30
C SER A 126 -17.42 12.25 -6.65
N PHE A 127 -16.44 11.61 -7.26
CA PHE A 127 -15.16 11.27 -6.56
C PHE A 127 -14.03 11.93 -7.33
N PRO A 128 -12.80 11.91 -6.79
CA PRO A 128 -11.64 12.36 -7.57
C PRO A 128 -11.48 11.64 -8.89
N PRO A 129 -10.89 12.31 -9.91
CA PRO A 129 -10.69 11.72 -11.22
C PRO A 129 -10.03 10.37 -11.19
N VAL A 130 -9.05 10.19 -10.29
CA VAL A 130 -8.24 8.98 -10.30
C VAL A 130 -9.07 7.76 -9.88
N MET A 131 -10.17 7.97 -9.18
CA MET A 131 -11.07 6.83 -8.86
C MET A 131 -11.69 6.27 -10.20
N LYS A 132 -12.04 7.16 -11.11
CA LYS A 132 -12.51 6.79 -12.46
C LYS A 132 -11.38 6.09 -13.22
N ALA A 133 -10.12 6.60 -13.15
CA ALA A 133 -9.02 5.91 -13.77
C ALA A 133 -8.82 4.50 -13.19
N TYR A 134 -9.00 4.35 -11.87
CA TYR A 134 -8.92 3.00 -11.25
C TYR A 134 -9.97 2.09 -11.77
N ILE A 135 -11.22 2.54 -11.77
CA ILE A 135 -12.31 1.68 -12.32
C ILE A 135 -12.04 1.29 -13.79
N ASP A 136 -11.56 2.24 -14.62
CA ASP A 136 -11.25 1.96 -16.01
C ASP A 136 -10.13 0.92 -16.08
N SER A 137 -9.20 0.94 -15.12
CA SER A 137 -8.04 0.01 -15.18
C SER A 137 -8.45 -1.45 -14.79
N VAL A 138 -9.53 -1.60 -14.00
CA VAL A 138 -9.96 -2.92 -13.56
C VAL A 138 -11.19 -3.50 -14.33
N ALA A 139 -11.90 -2.66 -15.09
CA ALA A 139 -13.04 -3.11 -15.89
C ALA A 139 -12.56 -3.73 -17.17
N VAL A 140 -12.40 -5.05 -17.16
CA VAL A 140 -11.78 -5.77 -18.27
C VAL A 140 -12.60 -7.01 -18.62
N ALA A 141 -13.00 -7.08 -19.89
CA ALA A 141 -13.79 -8.19 -20.39
C ALA A 141 -12.98 -9.51 -20.21
N GLY A 142 -13.64 -10.60 -19.78
CA GLY A 142 -12.92 -11.80 -19.38
C GLY A 142 -12.29 -11.82 -18.00
N LYS A 143 -12.28 -10.69 -17.30
CA LYS A 143 -11.77 -10.67 -15.95
C LYS A 143 -12.89 -10.32 -14.92
N THR A 144 -13.52 -9.14 -15.04
CA THR A 144 -14.58 -8.66 -14.10
C THR A 144 -15.98 -8.75 -14.71
N PHE A 145 -16.04 -8.84 -16.03
CA PHE A 145 -17.29 -9.05 -16.70
C PHE A 145 -17.10 -9.81 -18.01
N LYS A 146 -18.21 -10.27 -18.58
CA LYS A 146 -18.21 -10.80 -19.96
C LYS A 146 -19.44 -10.39 -20.75
N TYR A 147 -19.24 -10.31 -22.05
CA TYR A 147 -20.37 -10.06 -22.96
C TYR A 147 -21.25 -11.29 -23.08
N THR A 148 -22.53 -11.06 -23.31
CA THR A 148 -23.51 -12.14 -23.42
C THR A 148 -24.54 -11.91 -24.52
N GLY A 151 -26.39 -8.95 -22.92
CA GLY A 151 -25.66 -7.71 -22.63
C GLY A 151 -24.29 -8.01 -22.06
N SER A 152 -24.09 -7.71 -20.77
CA SER A 152 -22.96 -8.26 -20.04
C SER A 152 -23.40 -9.02 -18.80
N VAL A 153 -22.55 -9.91 -18.33
CA VAL A 153 -22.72 -10.51 -17.00
C VAL A 153 -21.45 -10.30 -16.21
N GLY A 154 -21.59 -10.08 -14.90
CA GLY A 154 -20.48 -9.89 -14.00
C GLY A 154 -19.83 -11.20 -13.62
N LEU A 155 -18.51 -11.19 -13.48
CA LEU A 155 -17.75 -12.37 -13.10
C LEU A 155 -17.38 -12.45 -11.65
N LEU A 156 -17.53 -11.37 -10.91
CA LEU A 156 -16.99 -11.29 -9.53
C LEU A 156 -18.01 -11.72 -8.50
N THR A 157 -18.52 -12.92 -8.68
CA THR A 157 -19.72 -13.39 -8.00
C THR A 157 -19.41 -13.86 -6.58
N ASP A 158 -18.12 -13.98 -6.21
CA ASP A 158 -17.80 -14.34 -4.87
C ASP A 158 -17.10 -13.19 -4.07
N LYS A 159 -17.16 -11.95 -4.59
CA LYS A 159 -16.49 -10.82 -3.86
C LYS A 159 -17.46 -10.07 -2.93
N LYS A 160 -16.93 -9.05 -2.24
CA LYS A 160 -17.70 -8.10 -1.48
C LYS A 160 -16.98 -6.73 -1.51
N ALA A 161 -17.74 -5.67 -1.31
CA ALA A 161 -17.25 -4.31 -1.33
C ALA A 161 -17.97 -3.41 -0.36
N LEU A 162 -17.23 -2.39 0.02
CA LEU A 162 -17.68 -1.33 0.88
C LEU A 162 -17.21 -0.03 0.23
N HIS A 163 -18.05 0.99 0.29
CA HIS A 163 -17.70 2.35 -0.08
C HIS A 163 -17.85 3.26 1.08
N ILE A 164 -16.76 3.88 1.53
CA ILE A 164 -16.77 4.90 2.56
C ILE A 164 -16.64 6.26 1.83
N GLN A 165 -17.63 7.13 2.02
CA GLN A 165 -17.68 8.38 1.26
C GLN A 165 -17.94 9.54 2.21
N ALA A 166 -17.14 10.58 2.10
CA ALA A 166 -17.40 11.85 2.85
C ALA A 166 -17.95 12.96 2.02
N SER A 167 -18.92 13.70 2.62
CA SER A 167 -19.57 14.79 1.96
C SER A 167 -19.93 15.86 2.96
N GLY A 168 -19.77 17.09 2.47
CA GLY A 168 -20.08 18.28 3.26
C GLY A 168 -21.54 18.33 3.65
N GLY A 169 -22.46 18.05 2.72
CA GLY A 169 -23.90 18.05 3.00
C GLY A 169 -24.42 16.64 3.01
N ILE A 170 -25.72 16.48 3.27
CA ILE A 170 -26.38 15.18 3.38
C ILE A 170 -26.87 14.73 2.00
N PHE A 171 -26.42 13.55 1.56
CA PHE A 171 -26.85 12.97 0.28
C PHE A 171 -27.47 11.56 0.39
N SER A 172 -27.56 10.98 1.59
CA SER A 172 -28.22 9.67 1.74
C SER A 172 -29.76 9.75 1.86
N GLU A 173 -30.30 10.95 2.08
CA GLU A 173 -31.72 11.18 2.24
C GLU A 173 -32.06 12.57 1.72
N GLY A 174 -33.35 12.82 1.48
CA GLY A 174 -33.82 14.14 1.10
C GLY A 174 -33.60 14.46 -0.35
N PRO A 175 -33.88 15.72 -0.78
CA PRO A 175 -33.81 16.09 -2.21
C PRO A 175 -32.48 15.94 -2.80
N ALA A 176 -31.47 16.16 -1.95
CA ALA A 176 -30.14 16.09 -2.44
C ALA A 176 -29.77 14.65 -2.87
N ALA A 177 -30.52 13.62 -2.44
CA ALA A 177 -30.14 12.26 -2.76
C ALA A 177 -30.11 12.07 -4.27
N GLU A 178 -30.89 12.80 -5.03
CA GLU A 178 -30.88 12.60 -6.52
C GLU A 178 -29.67 13.23 -7.13
N MET A 179 -28.91 14.04 -6.36
CA MET A 179 -27.68 14.63 -6.84
C MET A 179 -26.44 13.79 -6.57
N GLU A 180 -26.57 12.80 -5.67
CA GLU A 180 -25.46 11.94 -5.30
C GLU A 180 -25.03 11.19 -6.55
N MET A 181 -23.74 11.29 -6.93
CA MET A 181 -23.27 10.59 -8.12
C MET A 181 -22.02 9.68 -7.94
N GLY A 182 -21.28 9.79 -6.82
CA GLY A 182 -20.12 8.95 -6.63
C GLY A 182 -20.52 7.55 -6.19
N HIS A 183 -21.28 7.44 -5.10
CA HIS A 183 -21.76 6.12 -4.65
C HIS A 183 -22.60 5.47 -5.71
N ARG A 184 -23.36 6.28 -6.45
CA ARG A 184 -24.30 5.79 -7.48
C ARG A 184 -23.54 5.16 -8.61
N TYR A 185 -22.43 5.78 -8.96
CA TYR A 185 -21.56 5.24 -9.99
C TYR A 185 -20.92 3.94 -9.53
N LEU A 186 -20.36 3.91 -8.32
CA LEU A 186 -19.72 2.68 -7.84
C LEU A 186 -20.76 1.62 -7.71
N GLN A 187 -21.98 1.96 -7.29
CA GLN A 187 -23.06 1.01 -7.29
C GLN A 187 -23.32 0.38 -8.67
N ALA A 188 -23.38 1.20 -9.71
CA ALA A 188 -23.54 0.69 -11.05
C ALA A 188 -22.41 -0.28 -11.46
N ILE A 189 -21.18 0.01 -11.05
CA ILE A 189 -20.02 -0.78 -11.43
C ILE A 189 -20.02 -2.11 -10.68
N MET A 190 -20.36 -2.06 -9.38
CA MET A 190 -20.51 -3.28 -8.60
C MET A 190 -21.56 -4.18 -9.27
N ASN A 191 -22.69 -3.60 -9.72
CA ASN A 191 -23.75 -4.37 -10.46
C ASN A 191 -23.20 -4.95 -11.78
N PHE A 192 -22.52 -4.11 -12.53
CA PHE A 192 -21.81 -4.50 -13.75
C PHE A 192 -20.80 -5.65 -13.57
N PHE A 193 -20.01 -5.60 -12.49
CA PHE A 193 -19.04 -6.66 -12.21
C PHE A 193 -19.68 -7.91 -11.52
N GLY A 194 -20.96 -7.84 -11.16
CA GLY A 194 -21.63 -8.92 -10.44
C GLY A 194 -21.14 -9.12 -9.02
N VAL A 195 -20.63 -8.04 -8.43
CA VAL A 195 -20.24 -8.11 -7.04
C VAL A 195 -21.52 -8.24 -6.20
N PRO A 196 -21.65 -9.34 -5.45
CA PRO A 196 -22.96 -9.67 -4.86
C PRO A 196 -23.35 -8.89 -3.57
N SER A 197 -22.40 -8.29 -2.90
CA SER A 197 -22.60 -7.62 -1.65
C SER A 197 -21.89 -6.27 -1.72
N PHE A 198 -22.60 -5.18 -1.39
CA PHE A 198 -22.05 -3.83 -1.51
C PHE A 198 -22.73 -2.98 -0.47
N GLU A 199 -21.95 -2.18 0.22
CA GLU A 199 -22.47 -1.34 1.28
C GLU A 199 -21.90 0.07 1.22
N GLY A 200 -22.71 1.05 1.53
CA GLY A 200 -22.26 2.45 1.66
C GLY A 200 -22.12 2.83 3.10
N LEU A 201 -21.02 3.48 3.48
CA LEU A 201 -20.96 4.12 4.81
C LEU A 201 -20.60 5.61 4.56
N PHE A 202 -21.54 6.50 4.85
CA PHE A 202 -21.37 7.89 4.55
C PHE A 202 -21.04 8.68 5.79
N VAL A 203 -20.05 9.57 5.69
CA VAL A 203 -19.74 10.58 6.72
C VAL A 203 -20.13 11.87 6.11
N GLU A 204 -21.34 12.36 6.48
CA GLU A 204 -22.03 13.38 5.70
C GLU A 204 -22.70 14.43 6.62
N GLY A 205 -22.67 15.66 6.15
CA GLY A 205 -23.31 16.76 6.85
C GLY A 205 -22.43 17.66 7.70
N GLN A 206 -21.15 17.34 7.79
CA GLN A 206 -20.19 18.08 8.64
C GLN A 206 -19.91 19.52 8.24
N ASN A 207 -20.13 19.87 6.95
CA ASN A 207 -20.02 21.25 6.44
C ASN A 207 -21.36 21.97 6.55
N ALA A 208 -22.47 21.27 6.25
CA ALA A 208 -23.79 21.87 6.42
C ALA A 208 -24.11 22.12 7.91
N MET A 209 -23.49 21.36 8.81
CA MET A 209 -23.69 21.54 10.27
C MET A 209 -22.36 21.52 11.06
N PRO A 210 -21.56 22.61 10.99
CA PRO A 210 -20.19 22.56 11.56
C PRO A 210 -20.21 22.28 13.05
N ASP A 211 -21.26 22.74 13.72
CA ASP A 211 -21.54 22.42 15.15
C ASP A 211 -21.69 20.93 15.41
N LYS A 212 -22.13 20.16 14.41
CA LYS A 212 -22.25 18.70 14.51
C LYS A 212 -21.11 17.88 13.85
N ALA A 213 -20.10 18.54 13.31
CA ALA A 213 -19.01 17.88 12.58
C ALA A 213 -18.27 16.81 13.39
N GLN A 214 -17.87 17.11 14.63
CA GLN A 214 -17.15 16.12 15.42
C GLN A 214 -18.02 14.86 15.74
N GLU A 215 -19.28 15.10 16.07
CA GLU A 215 -20.23 14.05 16.37
C GLU A 215 -20.50 13.19 15.14
N ILE A 216 -20.63 13.84 14.00
CA ILE A 216 -20.88 13.15 12.72
C ILE A 216 -19.70 12.24 12.46
N LYS A 217 -18.51 12.82 12.52
CA LYS A 217 -17.31 12.02 12.37
C LYS A 217 -17.23 10.81 13.30
N GLU A 218 -17.41 11.06 14.61
CA GLU A 218 -17.23 10.03 15.59
C GLU A 218 -18.25 8.93 15.48
N LYS A 219 -19.48 9.28 15.13
CA LYS A 219 -20.54 8.34 14.91
C LYS A 219 -20.24 7.48 13.68
N ALA A 220 -19.72 8.11 12.61
CA ALA A 220 -19.26 7.31 11.47
C ALA A 220 -18.10 6.35 11.79
N ILE A 221 -17.11 6.80 12.57
CA ILE A 221 -16.04 5.94 13.08
C ILE A 221 -16.57 4.73 13.84
N ALA A 222 -17.56 4.94 14.73
CA ALA A 222 -18.17 3.86 15.53
C ALA A 222 -18.89 2.85 14.59
N ARG A 223 -19.66 3.35 13.65
CA ARG A 223 -20.24 2.50 12.60
C ARG A 223 -19.22 1.64 11.82
N ALA A 224 -18.13 2.26 11.44
CA ALA A 224 -17.07 1.64 10.70
C ALA A 224 -16.41 0.59 11.56
N LYS A 225 -16.07 0.89 12.80
CA LYS A 225 -15.45 -0.14 13.63
C LYS A 225 -16.38 -1.33 13.88
N ASP A 226 -17.65 -1.07 14.10
CA ASP A 226 -18.64 -2.19 14.19
C ASP A 226 -18.68 -3.04 12.88
N LEU A 227 -18.81 -2.37 11.72
CA LEU A 227 -18.86 -3.09 10.45
C LEU A 227 -17.57 -3.92 10.25
N ALA A 228 -16.43 -3.38 10.68
CA ALA A 228 -15.19 -4.12 10.53
C ALA A 228 -15.17 -5.50 11.25
N HIS A 229 -15.98 -5.68 12.28
CA HIS A 229 -16.13 -6.96 13.01
C HIS A 229 -16.86 -8.08 12.28
N THR A 230 -17.51 -7.79 11.17
CA THR A 230 -18.18 -8.80 10.33
C THR A 230 -17.87 -8.70 8.84
N PHE A 231 -17.29 -7.59 8.38
CA PHE A 231 -16.99 -7.47 6.98
C PHE A 231 -16.06 -8.60 6.54
N MET B 21 8.70 5.06 -15.86
CA MET B 21 7.89 4.72 -14.69
C MET B 21 8.57 3.67 -13.79
N ALA B 22 9.31 4.16 -12.83
CA ALA B 22 10.01 3.33 -11.89
C ALA B 22 9.05 2.78 -10.84
N LYS B 23 9.29 1.59 -10.41
CA LYS B 23 8.55 1.02 -9.35
C LYS B 23 9.28 1.02 -8.03
N VAL B 24 8.64 1.66 -7.03
CA VAL B 24 9.35 1.95 -5.75
C VAL B 24 8.56 1.27 -4.64
N LEU B 25 9.18 0.36 -3.90
CA LEU B 25 8.50 -0.23 -2.74
C LEU B 25 8.89 0.58 -1.52
N TYR B 26 7.84 1.14 -0.88
CA TYR B 26 7.97 1.94 0.33
C TYR B 26 7.52 0.95 1.41
N ILE B 27 8.50 0.26 2.00
CA ILE B 27 8.28 -0.87 2.94
C ILE B 27 8.33 -0.40 4.37
N THR B 28 7.19 -0.40 5.05
CA THR B 28 7.20 0.01 6.49
C THR B 28 6.96 -1.13 7.46
N ALA B 29 7.70 -1.14 8.58
CA ALA B 29 7.55 -2.15 9.66
C ALA B 29 7.23 -1.45 10.96
N HIS B 30 6.04 -0.86 11.02
CA HIS B 30 5.63 -0.18 12.24
C HIS B 30 4.12 -0.36 12.46
N PRO B 31 3.71 -0.71 13.69
CA PRO B 31 2.27 -0.81 13.94
C PRO B 31 1.59 0.50 14.05
N LEU B 32 2.31 1.56 14.35
CA LEU B 32 1.76 2.92 14.51
C LEU B 32 2.01 3.74 13.23
N ASP B 33 1.32 4.88 13.10
CA ASP B 33 1.38 5.71 11.92
C ASP B 33 2.36 6.89 12.16
N GLU B 34 2.42 7.76 11.17
CA GLU B 34 3.25 8.98 11.22
C GLU B 34 2.94 9.99 12.31
N THR B 35 1.75 9.98 12.91
CA THR B 35 1.52 10.91 14.03
C THR B 35 2.17 10.37 15.29
N GLN B 36 2.51 9.07 15.35
CA GLN B 36 3.06 8.50 16.57
C GLN B 36 4.49 7.97 16.54
N SER B 37 5.10 7.93 15.35
CA SER B 37 6.36 7.28 15.14
C SER B 37 7.32 8.24 14.47
N TYR B 38 8.56 8.30 14.93
CA TYR B 38 9.56 9.16 14.29
C TYR B 38 9.90 8.58 12.90
N SER B 39 10.12 7.28 12.83
CA SER B 39 10.55 6.70 11.53
C SER B 39 9.43 6.88 10.54
N MET B 40 8.18 6.74 11.01
CA MET B 40 7.07 6.92 10.09
C MET B 40 6.94 8.36 9.58
N ALA B 41 7.10 9.34 10.45
CA ALA B 41 7.04 10.73 10.05
C ALA B 41 8.14 11.05 9.06
N VAL B 42 9.35 10.56 9.30
CA VAL B 42 10.48 10.86 8.42
C VAL B 42 10.31 10.16 7.07
N GLY B 43 9.82 8.90 7.09
CA GLY B 43 9.57 8.18 5.83
C GLY B 43 8.49 8.83 5.01
N LYS B 44 7.50 9.34 5.71
CA LYS B 44 6.48 10.01 5.02
C LYS B 44 6.93 11.31 4.34
N ALA B 45 7.77 12.10 5.00
CA ALA B 45 8.37 13.29 4.39
C ALA B 45 9.19 12.87 3.15
N PHE B 46 9.88 11.74 3.29
CA PHE B 46 10.68 11.25 2.19
C PHE B 46 9.82 10.89 0.98
N ILE B 47 8.83 10.05 1.23
CA ILE B 47 8.09 9.44 0.13
C ILE B 47 7.09 10.42 -0.48
N ASP B 48 6.48 11.31 0.32
CA ASP B 48 5.70 12.44 -0.26
C ASP B 48 6.54 13.29 -1.20
N THR B 49 7.75 13.62 -0.79
CA THR B 49 8.63 14.42 -1.66
C THR B 49 9.04 13.60 -2.84
N TYR B 50 9.24 12.31 -2.64
CA TYR B 50 9.66 11.46 -3.73
C TYR B 50 8.61 11.50 -4.85
N LYS B 51 7.35 11.44 -4.47
CA LYS B 51 6.27 11.38 -5.48
C LYS B 51 6.14 12.81 -6.13
N GLU B 52 6.41 13.87 -5.40
CA GLU B 52 6.40 15.26 -5.99
C GLU B 52 7.52 15.36 -7.04
N VAL B 53 8.69 14.78 -6.74
CA VAL B 53 9.79 14.86 -7.67
C VAL B 53 9.61 13.94 -8.87
N ASN B 54 8.91 12.81 -8.69
CA ASN B 54 8.80 11.77 -9.65
C ASN B 54 7.32 11.35 -9.81
N PRO B 55 6.50 12.25 -10.40
CA PRO B 55 5.04 12.06 -10.34
C PRO B 55 4.58 10.86 -11.12
N ASN B 56 5.42 10.48 -12.03
CA ASN B 56 5.15 9.36 -12.84
C ASN B 56 5.48 7.97 -12.30
N ASP B 57 6.15 7.98 -11.16
CA ASP B 57 6.69 6.75 -10.66
C ASP B 57 5.59 6.02 -9.90
N GLU B 58 5.70 4.70 -9.90
CA GLU B 58 4.78 3.78 -9.24
C GLU B 58 5.26 3.57 -7.77
N VAL B 59 4.68 4.31 -6.80
CA VAL B 59 5.08 4.17 -5.41
C VAL B 59 4.11 3.27 -4.66
N ILE B 60 4.60 2.12 -4.21
CA ILE B 60 3.76 1.08 -3.54
C ILE B 60 4.12 1.00 -2.07
N HIS B 61 3.21 1.42 -1.21
CA HIS B 61 3.35 1.22 0.21
C HIS B 61 3.13 -0.25 0.49
N ILE B 62 4.15 -0.93 0.98
CA ILE B 62 4.06 -2.29 1.53
C ILE B 62 4.11 -2.11 3.07
N ASP B 63 2.95 -2.24 3.70
CA ASP B 63 2.80 -2.05 5.13
C ASP B 63 2.87 -3.46 5.76
N LEU B 64 3.97 -3.75 6.46
CA LEU B 64 4.17 -5.12 7.00
C LEU B 64 3.33 -5.44 8.21
N TYR B 65 2.57 -4.47 8.75
CA TYR B 65 1.59 -4.75 9.80
C TYR B 65 0.13 -4.79 9.24
N LYS B 66 -0.05 -4.62 7.95
CA LYS B 66 -1.37 -4.81 7.27
C LYS B 66 -1.37 -6.03 6.32
N GLU B 67 -0.38 -6.08 5.45
CA GLU B 67 -0.19 -7.28 4.67
C GLU B 67 0.15 -8.49 5.58
N ASN B 68 -0.10 -9.65 5.04
CA ASN B 68 0.32 -10.89 5.66
C ASN B 68 1.70 -11.27 5.07
N ILE B 69 2.70 -11.36 5.92
CA ILE B 69 4.05 -11.68 5.54
C ILE B 69 4.37 -13.00 6.32
N PRO B 70 4.08 -14.15 5.70
CA PRO B 70 4.26 -15.43 6.32
C PRO B 70 5.69 -15.74 6.74
N GLN B 71 5.87 -16.07 8.00
CA GLN B 71 7.16 -16.62 8.41
C GLN B 71 7.34 -18.00 7.73
N ILE B 72 8.55 -18.41 7.40
CA ILE B 72 8.77 -19.77 6.87
C ILE B 72 8.53 -20.78 8.00
N ASP B 73 7.48 -21.60 7.85
CA ASP B 73 7.08 -22.56 8.88
C ASP B 73 6.92 -23.95 8.33
N ALA B 74 6.36 -24.87 9.10
CA ALA B 74 6.17 -26.27 8.61
C ALA B 74 5.34 -26.38 7.34
N ASP B 75 4.27 -25.59 7.23
CA ASP B 75 3.38 -25.61 6.06
C ASP B 75 4.14 -25.07 4.82
N VAL B 76 4.97 -24.08 5.00
CA VAL B 76 5.72 -23.55 3.85
C VAL B 76 6.75 -24.60 3.36
N PHE B 77 7.49 -25.18 4.28
CA PHE B 77 8.45 -26.23 3.91
C PHE B 77 7.73 -27.38 3.20
N SER B 78 6.61 -27.83 3.76
CA SER B 78 5.82 -28.95 3.20
C SER B 78 5.32 -28.63 1.79
N GLY B 79 4.68 -27.46 1.68
CA GLY B 79 4.18 -26.93 0.42
C GLY B 79 5.24 -26.75 -0.65
N TRP B 80 6.32 -26.05 -0.34
CA TRP B 80 7.48 -26.02 -1.22
C TRP B 80 7.94 -27.44 -1.62
N GLY B 81 8.07 -28.34 -0.65
CA GLY B 81 8.56 -29.72 -0.94
C GLY B 81 7.63 -30.44 -1.94
N LYS B 82 6.34 -30.25 -1.75
CA LYS B 82 5.35 -30.75 -2.71
C LYS B 82 5.52 -30.20 -4.12
N LEU B 83 5.64 -28.88 -4.21
CA LEU B 83 6.03 -28.25 -5.46
C LEU B 83 7.39 -28.78 -6.00
N GLN B 84 8.40 -28.99 -5.23
CA GLN B 84 9.64 -29.54 -5.78
C GLN B 84 9.56 -30.99 -6.14
N SER B 85 8.51 -31.64 -5.66
CA SER B 85 8.19 -33.05 -5.83
C SER B 85 7.14 -33.35 -6.89
N GLY B 86 6.86 -32.38 -7.72
CA GLY B 86 6.03 -32.64 -8.85
C GLY B 86 4.61 -32.24 -8.65
N LYS B 87 4.24 -31.91 -7.45
CA LYS B 87 2.89 -31.54 -7.24
C LYS B 87 2.54 -30.20 -7.81
N GLY B 88 1.34 -30.17 -8.21
CA GLY B 88 0.69 -28.94 -8.59
C GLY B 88 0.28 -28.03 -7.42
N PHE B 89 0.29 -26.72 -7.64
CA PHE B 89 -0.12 -25.76 -6.62
C PHE B 89 -1.46 -26.09 -6.03
N GLU B 90 -2.39 -26.45 -6.87
CA GLU B 90 -3.63 -26.92 -6.36
C GLU B 90 -3.67 -28.27 -5.61
N GLU B 91 -2.61 -29.10 -5.57
CA GLU B 91 -2.67 -30.27 -4.81
C GLU B 91 -2.25 -30.01 -3.38
N LEU B 92 -1.78 -28.81 -3.10
CA LEU B 92 -1.32 -28.45 -1.73
C LEU B 92 -2.54 -28.29 -0.81
N THR B 93 -2.34 -28.34 0.50
CA THR B 93 -3.46 -27.98 1.42
C THR B 93 -3.84 -26.49 1.34
N ALA B 94 -5.03 -26.17 1.85
CA ALA B 94 -5.46 -24.80 1.95
C ALA B 94 -4.45 -23.89 2.64
N GLU B 95 -3.87 -24.34 3.76
CA GLU B 95 -2.91 -23.53 4.47
C GLU B 95 -1.60 -23.39 3.70
N GLU B 96 -1.15 -24.50 3.12
CA GLU B 96 0.04 -24.52 2.29
C GLU B 96 -0.12 -23.58 1.13
N LYS B 97 -1.21 -23.68 0.38
CA LYS B 97 -1.43 -22.74 -0.71
C LYS B 97 -1.44 -21.30 -0.27
N ALA B 98 -2.14 -20.97 0.81
CA ALA B 98 -2.28 -19.56 1.28
C ALA B 98 -0.91 -18.97 1.55
N LYS B 99 -0.12 -19.72 2.28
CA LYS B 99 1.23 -19.22 2.67
C LYS B 99 2.26 -19.22 1.50
N VAL B 100 2.35 -20.35 0.77
CA VAL B 100 3.27 -20.44 -0.32
C VAL B 100 2.96 -19.39 -1.40
N GLY B 101 1.69 -19.19 -1.71
CA GLY B 101 1.24 -18.23 -2.70
C GLY B 101 1.60 -16.80 -2.33
N ARG B 102 1.37 -16.49 -1.08
CA ARG B 102 1.68 -15.20 -0.48
C ARG B 102 3.18 -14.91 -0.54
N LEU B 103 4.02 -15.84 -0.15
CA LEU B 103 5.45 -15.71 -0.29
C LEU B 103 5.85 -15.49 -1.75
N ALA B 104 5.21 -16.22 -2.64
CA ALA B 104 5.55 -16.10 -4.04
C ALA B 104 5.24 -14.69 -4.54
N GLU B 105 4.08 -14.14 -4.12
CA GLU B 105 3.74 -12.81 -4.49
C GLU B 105 4.74 -11.83 -4.00
N LEU B 106 5.14 -11.96 -2.73
CA LEU B 106 6.13 -11.03 -2.14
C LEU B 106 7.43 -11.11 -2.86
N SER B 107 7.84 -12.32 -3.22
CA SER B 107 9.12 -12.52 -3.92
C SER B 107 9.11 -11.86 -5.31
N ASP B 108 7.99 -12.00 -6.04
CA ASP B 108 7.93 -11.54 -7.41
C ASP B 108 7.88 -10.03 -7.39
N GLN B 109 7.09 -9.49 -6.44
CA GLN B 109 6.99 -8.04 -6.28
C GLN B 109 8.35 -7.41 -6.06
N PHE B 110 9.17 -8.05 -5.24
CA PHE B 110 10.44 -7.43 -4.83
C PHE B 110 11.34 -7.36 -6.07
N VAL B 111 11.47 -8.47 -6.79
CA VAL B 111 12.27 -8.45 -8.02
C VAL B 111 11.74 -7.60 -9.16
N ALA B 112 10.41 -7.43 -9.25
CA ALA B 112 9.80 -6.56 -10.21
C ALA B 112 10.08 -5.06 -9.94
N ALA B 113 10.30 -4.67 -8.68
CA ALA B 113 10.55 -3.28 -8.33
C ALA B 113 11.92 -2.81 -8.70
N ASP B 114 12.05 -1.50 -8.84
CA ASP B 114 13.32 -0.88 -9.17
C ASP B 114 14.07 -0.34 -7.93
N LYS B 115 13.31 0.02 -6.88
CA LYS B 115 13.91 0.77 -5.75
C LYS B 115 13.21 0.34 -4.52
N TYR B 116 13.93 0.29 -3.41
CA TYR B 116 13.37 -0.18 -2.12
C TYR B 116 13.68 0.87 -1.04
N VAL B 117 12.64 1.25 -0.29
CA VAL B 117 12.80 2.12 0.86
C VAL B 117 12.29 1.32 2.06
N PHE B 118 13.16 1.11 3.04
CA PHE B 118 12.79 0.36 4.24
C PHE B 118 12.67 1.40 5.38
N VAL B 119 11.57 1.34 6.12
CA VAL B 119 11.31 2.22 7.27
C VAL B 119 11.05 1.40 8.53
N THR B 120 11.92 1.53 9.52
CA THR B 120 11.85 0.75 10.72
C THR B 120 12.19 1.56 12.01
N PRO B 121 11.57 1.15 13.12
CA PRO B 121 12.03 1.57 14.43
C PRO B 121 13.12 0.64 14.89
N MET B 122 13.97 1.10 15.78
CA MET B 122 14.92 0.20 16.38
C MET B 122 14.31 -0.39 17.66
N TRP B 123 14.09 -1.70 17.68
CA TRP B 123 13.64 -2.40 18.87
C TRP B 123 14.75 -3.32 19.28
N ASN B 124 15.31 -3.12 20.48
CA ASN B 124 16.41 -3.99 20.93
C ASN B 124 17.57 -4.16 19.90
N PHE B 125 18.06 -3.03 19.40
CA PHE B 125 19.17 -2.91 18.47
C PHE B 125 18.89 -3.28 17.03
N SER B 126 17.68 -3.71 16.72
CA SER B 126 17.43 -4.18 15.36
C SER B 126 16.00 -3.86 15.01
N PHE B 127 15.35 -4.60 14.14
CA PHE B 127 14.06 -4.14 13.63
C PHE B 127 12.99 -5.09 14.14
N PRO B 128 11.71 -4.75 13.86
CA PRO B 128 10.66 -5.66 14.31
C PRO B 128 10.78 -7.00 13.59
N PRO B 129 10.28 -8.08 14.23
CA PRO B 129 10.40 -9.44 13.63
C PRO B 129 9.88 -9.49 12.19
N VAL B 130 8.81 -8.74 11.87
CA VAL B 130 8.21 -8.88 10.54
C VAL B 130 9.14 -8.38 9.42
N MET B 131 10.05 -7.47 9.75
CA MET B 131 11.03 -7.02 8.75
C MET B 131 11.92 -8.23 8.34
N LYS B 132 12.27 -9.06 9.31
CA LYS B 132 13.00 -10.29 9.00
C LYS B 132 12.15 -11.27 8.19
N ALA B 133 10.85 -11.42 8.55
CA ALA B 133 9.98 -12.20 7.72
C ALA B 133 9.94 -11.68 6.27
N TYR B 134 9.87 -10.36 6.11
CA TYR B 134 9.87 -9.76 4.76
C TYR B 134 11.15 -10.06 4.03
N ILE B 135 12.31 -9.95 4.66
CA ILE B 135 13.55 -10.31 3.94
C ILE B 135 13.56 -11.81 3.54
N ASP B 136 13.05 -12.67 4.41
CA ASP B 136 13.05 -14.14 4.17
C ASP B 136 12.14 -14.45 2.97
N SER B 137 11.08 -13.65 2.82
CA SER B 137 10.10 -13.87 1.75
C SER B 137 10.67 -13.44 0.36
N VAL B 138 11.65 -12.54 0.35
CA VAL B 138 12.17 -12.04 -0.89
C VAL B 138 13.56 -12.60 -1.23
N ALA B 139 14.24 -13.23 -0.26
CA ALA B 139 15.56 -13.85 -0.48
C ALA B 139 15.37 -15.22 -1.12
N VAL B 140 15.42 -15.30 -2.45
CA VAL B 140 15.09 -16.57 -3.14
C VAL B 140 16.17 -16.84 -4.21
N ALA B 141 16.77 -18.03 -4.16
CA ALA B 141 17.81 -18.44 -5.11
C ALA B 141 17.28 -18.42 -6.53
N GLY B 142 18.05 -17.88 -7.49
CA GLY B 142 17.51 -17.65 -8.85
C GLY B 142 16.79 -16.34 -9.06
N LYS B 143 16.41 -15.64 -7.97
CA LYS B 143 15.66 -14.41 -8.12
C LYS B 143 16.48 -13.25 -7.63
N THR B 144 16.92 -13.26 -6.36
CA THR B 144 17.66 -12.12 -5.82
C THR B 144 19.13 -12.44 -5.61
N PHE B 145 19.49 -13.72 -5.64
CA PHE B 145 20.88 -14.18 -5.65
C PHE B 145 20.93 -15.60 -6.27
N LYS B 146 22.13 -16.06 -6.51
CA LYS B 146 22.36 -17.46 -6.90
C LYS B 146 23.62 -18.00 -6.23
N TYR B 147 23.61 -19.30 -6.01
CA TYR B 147 24.74 -19.99 -5.40
C TYR B 147 25.71 -20.22 -6.53
N THR B 148 26.99 -20.16 -6.20
CA THR B 148 28.10 -20.38 -7.11
C THR B 148 29.11 -21.32 -6.43
N GLU B 149 29.95 -21.97 -7.26
CA GLU B 149 30.89 -23.00 -6.76
C GLU B 149 32.08 -22.32 -6.11
N GLY B 151 30.56 -19.54 -3.19
CA GLY B 151 29.56 -18.86 -2.36
C GLY B 151 28.34 -18.45 -3.13
N SER B 152 28.16 -17.16 -3.33
CA SER B 152 26.95 -16.66 -4.02
C SER B 152 27.33 -15.42 -4.75
N VAL B 153 26.47 -15.05 -5.69
CA VAL B 153 26.46 -13.75 -6.39
C VAL B 153 25.03 -13.13 -6.33
N GLY B 154 24.98 -11.82 -6.16
CA GLY B 154 23.68 -11.12 -6.15
C GLY B 154 23.17 -10.88 -7.55
N LEU B 155 21.85 -10.92 -7.74
CA LEU B 155 21.25 -10.66 -9.03
C LEU B 155 20.57 -9.28 -9.18
N LEU B 156 20.51 -8.51 -8.09
CA LEU B 156 19.82 -7.27 -8.11
C LEU B 156 20.77 -6.11 -8.37
N THR B 157 21.58 -6.24 -9.42
CA THR B 157 22.69 -5.27 -9.75
C THR B 157 22.16 -3.99 -10.38
N ASP B 158 20.88 -3.92 -10.76
CA ASP B 158 20.32 -2.65 -11.14
C ASP B 158 19.24 -2.05 -10.22
N LYS B 159 19.22 -2.45 -8.95
CA LYS B 159 18.35 -1.85 -7.96
C LYS B 159 19.09 -0.84 -7.09
N LYS B 160 18.36 -0.25 -6.16
CA LYS B 160 18.95 0.67 -5.15
C LYS B 160 18.07 0.72 -3.93
N ALA B 161 18.60 1.15 -2.79
CA ALA B 161 17.84 1.05 -1.54
C ALA B 161 18.24 2.10 -0.55
N LEU B 162 17.26 2.48 0.27
CA LEU B 162 17.46 3.44 1.34
C LEU B 162 16.74 2.86 2.54
N HIS B 163 17.33 3.04 3.71
CA HIS B 163 16.76 2.60 4.99
C HIS B 163 16.60 3.81 5.89
N ILE B 164 15.38 4.11 6.30
CA ILE B 164 15.09 5.13 7.29
C ILE B 164 14.88 4.41 8.66
N GLN B 165 15.70 4.73 9.67
CA GLN B 165 15.61 4.07 10.96
C GLN B 165 15.51 5.07 12.08
N ALA B 166 14.59 4.85 12.99
CA ALA B 166 14.47 5.69 14.21
C ALA B 166 14.98 4.91 15.44
N SER B 167 15.72 5.60 16.31
CA SER B 167 16.16 5.02 17.57
C SER B 167 16.08 6.12 18.65
N GLY B 168 15.71 5.70 19.85
CA GLY B 168 15.73 6.60 21.04
C GLY B 168 17.11 7.13 21.36
N GLY B 169 18.13 6.29 21.30
CA GLY B 169 19.50 6.68 21.58
C GLY B 169 20.22 6.93 20.29
N ILE B 170 21.45 7.42 20.44
CA ILE B 170 22.37 7.59 19.34
C ILE B 170 23.07 6.30 19.00
N PHE B 171 22.98 5.87 17.74
CA PHE B 171 23.80 4.71 17.29
C PHE B 171 24.78 4.92 16.15
N SER B 172 24.91 6.15 15.69
CA SER B 172 25.84 6.45 14.58
C SER B 172 27.24 6.83 15.05
N GLU B 173 27.45 6.94 16.36
CA GLU B 173 28.78 7.26 16.89
C GLU B 173 29.04 6.67 18.26
N GLY B 174 30.31 6.35 18.48
CA GLY B 174 30.79 5.94 19.77
C GLY B 174 30.57 4.47 19.95
N PRO B 175 30.86 3.97 21.14
CA PRO B 175 30.74 2.50 21.32
C PRO B 175 29.32 1.96 21.09
N ALA B 176 28.27 2.78 21.23
CA ALA B 176 26.90 2.34 20.85
C ALA B 176 26.74 1.94 19.36
N ALA B 177 27.61 2.50 18.48
CA ALA B 177 27.70 2.08 17.07
C ALA B 177 27.96 0.59 16.84
N GLU B 178 28.69 -0.07 17.74
CA GLU B 178 28.98 -1.51 17.63
C GLU B 178 27.77 -2.38 17.93
N MET B 179 26.79 -1.80 18.62
CA MET B 179 25.61 -2.49 18.95
C MET B 179 24.50 -2.36 17.90
N GLU B 180 24.65 -1.46 16.95
CA GLU B 180 23.65 -1.29 15.89
C GLU B 180 23.55 -2.63 15.09
N MET B 181 22.35 -3.19 14.96
CA MET B 181 22.17 -4.45 14.23
C MET B 181 21.08 -4.39 13.15
N GLY B 182 20.27 -3.36 13.10
CA GLY B 182 19.19 -3.27 12.12
C GLY B 182 19.69 -2.81 10.74
N HIS B 183 20.29 -1.63 10.71
CA HIS B 183 20.89 -1.12 9.56
C HIS B 183 22.02 -2.05 9.10
N ARG B 184 22.81 -2.54 10.04
CA ARG B 184 23.88 -3.51 9.70
C ARG B 184 23.39 -4.77 9.00
N TYR B 185 22.32 -5.38 9.50
CA TYR B 185 21.66 -6.52 8.82
C TYR B 185 21.22 -6.22 7.34
N LEU B 186 20.50 -5.13 7.17
CA LEU B 186 19.98 -4.74 5.88
C LEU B 186 21.14 -4.46 4.93
N GLN B 187 22.18 -3.79 5.38
CA GLN B 187 23.41 -3.64 4.55
C GLN B 187 24.01 -5.01 4.10
N ALA B 188 24.10 -5.99 4.98
CA ALA B 188 24.59 -7.33 4.64
C ALA B 188 23.67 -7.92 3.56
N ILE B 189 22.35 -7.76 3.71
CA ILE B 189 21.41 -8.37 2.76
C ILE B 189 21.48 -7.71 1.39
N MET B 190 21.54 -6.37 1.40
CA MET B 190 21.64 -5.64 0.15
C MET B 190 22.93 -6.03 -0.59
N ASN B 191 24.02 -6.19 0.17
CA ASN B 191 25.29 -6.68 -0.41
C ASN B 191 25.11 -8.09 -0.98
N PHE B 192 24.48 -8.98 -0.22
CA PHE B 192 24.17 -10.34 -0.70
C PHE B 192 23.35 -10.37 -1.99
N PHE B 193 22.38 -9.45 -2.11
CA PHE B 193 21.58 -9.33 -3.31
C PHE B 193 22.31 -8.63 -4.52
N GLY B 194 23.47 -8.06 -4.24
CA GLY B 194 24.25 -7.36 -5.23
C GLY B 194 23.69 -6.01 -5.55
N VAL B 195 22.96 -5.45 -4.58
CA VAL B 195 22.40 -4.08 -4.73
C VAL B 195 23.54 -3.11 -4.63
N PRO B 196 23.77 -2.36 -5.69
CA PRO B 196 24.97 -1.51 -5.74
C PRO B 196 24.97 -0.30 -4.81
N SER B 197 23.78 0.18 -4.46
CA SER B 197 23.58 1.35 -3.61
C SER B 197 22.55 1.11 -2.49
N PHE B 198 23.00 1.19 -1.25
CA PHE B 198 22.14 1.12 -0.08
C PHE B 198 22.61 2.20 0.87
N GLU B 199 21.72 3.09 1.24
CA GLU B 199 22.05 4.23 2.12
C GLU B 199 21.11 4.34 3.34
N GLY B 200 21.41 5.22 4.27
CA GLY B 200 20.65 5.30 5.53
C GLY B 200 20.30 6.74 5.83
N LEU B 201 19.17 6.90 6.51
CA LEU B 201 18.79 8.15 7.12
C LEU B 201 18.24 7.78 8.48
N PHE B 202 18.90 8.29 9.51
CA PHE B 202 18.56 7.99 10.91
C PHE B 202 17.85 9.19 11.56
N VAL B 203 16.83 8.91 12.29
CA VAL B 203 16.24 9.89 13.23
C VAL B 203 16.57 9.35 14.58
N GLU B 204 17.58 9.90 15.24
CA GLU B 204 18.13 9.29 16.43
C GLU B 204 18.33 10.29 17.58
N GLY B 205 18.04 9.82 18.77
CA GLY B 205 18.49 10.49 19.97
C GLY B 205 17.38 11.21 20.67
N GLN B 206 16.20 11.25 20.04
CA GLN B 206 15.02 11.86 20.59
C GLN B 206 14.52 11.31 21.95
N ASN B 207 14.99 10.13 22.39
CA ASN B 207 14.82 9.67 23.82
C ASN B 207 15.97 10.04 24.76
N ALA B 208 17.21 9.84 24.35
CA ALA B 208 18.37 10.11 25.20
C ALA B 208 18.51 11.61 25.53
N MET B 209 18.05 12.47 24.61
CA MET B 209 18.10 13.93 24.73
C MET B 209 16.70 14.47 24.42
N PRO B 210 15.73 14.23 25.30
CA PRO B 210 14.32 14.60 25.08
C PRO B 210 14.09 16.12 24.90
N ASP B 211 15.02 16.92 25.43
CA ASP B 211 15.15 18.33 25.12
C ASP B 211 15.37 18.62 23.62
N LYS B 212 15.95 17.69 22.86
CA LYS B 212 16.19 17.93 21.43
C LYS B 212 15.19 17.20 20.49
N ALA B 213 14.22 16.48 21.06
CA ALA B 213 13.39 15.58 20.24
C ALA B 213 12.74 16.28 19.02
N GLN B 214 12.21 17.48 19.20
CA GLN B 214 11.56 18.21 18.13
C GLN B 214 12.54 18.63 17.03
N GLU B 215 13.65 19.25 17.39
CA GLU B 215 14.62 19.66 16.36
C GLU B 215 15.28 18.42 15.69
N ILE B 216 15.50 17.32 16.45
CA ILE B 216 15.99 16.04 15.89
C ILE B 216 15.08 15.62 14.77
N LYS B 217 13.78 15.58 15.06
CA LYS B 217 12.78 15.26 14.04
C LYS B 217 12.74 16.22 12.87
N GLU B 218 12.82 17.53 13.13
CA GLU B 218 12.82 18.51 12.00
C GLU B 218 14.05 18.38 11.07
N LYS B 219 15.18 18.19 11.68
CA LYS B 219 16.44 17.96 10.94
C LYS B 219 16.31 16.73 10.02
N ALA B 220 15.81 15.62 10.58
CA ALA B 220 15.75 14.37 9.81
C ALA B 220 14.73 14.50 8.68
N ILE B 221 13.64 15.23 8.92
CA ILE B 221 12.70 15.50 7.88
C ILE B 221 13.27 16.37 6.73
N ALA B 222 14.05 17.36 7.06
CA ALA B 222 14.71 18.17 6.07
C ALA B 222 15.61 17.26 5.26
N ARG B 223 16.39 16.38 5.89
CA ARG B 223 17.25 15.46 5.15
C ARG B 223 16.45 14.59 4.19
N ALA B 224 15.38 14.03 4.70
CA ALA B 224 14.44 13.20 3.88
C ALA B 224 13.98 13.90 2.62
N LYS B 225 13.54 15.17 2.75
CA LYS B 225 13.10 15.93 1.60
C LYS B 225 14.23 16.15 0.62
N ASP B 226 15.43 16.43 1.13
CA ASP B 226 16.59 16.64 0.24
C ASP B 226 17.00 15.35 -0.52
N LEU B 227 17.16 14.27 0.22
CA LEU B 227 17.57 12.98 -0.34
C LEU B 227 16.57 12.52 -1.43
N ALA B 228 15.31 12.80 -1.20
CA ALA B 228 14.25 12.43 -2.13
C ALA B 228 14.39 13.06 -3.51
N HIS B 229 15.22 14.09 -3.66
CA HIS B 229 15.47 14.70 -4.97
C HIS B 229 16.38 13.94 -5.85
N THR B 230 17.05 12.98 -5.27
CA THR B 230 18.01 12.14 -5.98
C THR B 230 17.74 10.65 -6.06
N PHE B 231 17.09 10.14 -5.02
CA PHE B 231 16.75 8.72 -4.94
C PHE B 231 15.99 8.26 -6.21
N HIS C 20 -15.25 37.72 -31.08
CA HIS C 20 -16.32 38.10 -31.88
C HIS C 20 -17.63 37.49 -31.24
N MET C 21 -18.81 38.02 -31.57
CA MET C 21 -20.07 37.98 -30.72
C MET C 21 -20.30 36.89 -29.62
N ALA C 22 -20.37 35.58 -29.86
CA ALA C 22 -20.38 34.59 -28.73
C ALA C 22 -19.04 33.79 -28.64
N LYS C 23 -18.70 33.35 -27.44
CA LYS C 23 -17.51 32.52 -27.25
C LYS C 23 -17.94 31.10 -26.93
N VAL C 24 -17.42 30.14 -27.67
CA VAL C 24 -17.83 28.75 -27.50
C VAL C 24 -16.67 27.86 -27.18
N LEU C 25 -16.80 27.03 -26.14
CA LEU C 25 -15.75 26.08 -25.80
C LEU C 25 -16.18 24.72 -26.33
N TYR C 26 -15.36 24.13 -27.16
CA TYR C 26 -15.57 22.80 -27.71
C TYR C 26 -14.62 21.85 -26.98
N ILE C 27 -15.14 21.17 -25.97
CA ILE C 27 -14.37 20.42 -24.97
C ILE C 27 -14.48 18.95 -25.28
N THR C 28 -13.39 18.32 -25.67
CA THR C 28 -13.40 16.92 -26.09
C THR C 28 -12.51 16.10 -25.18
N ALA C 29 -12.98 14.92 -24.80
CA ALA C 29 -12.20 13.98 -24.02
C ALA C 29 -12.08 12.69 -24.74
N HIS C 30 -11.23 12.67 -25.79
CA HIS C 30 -10.95 11.42 -26.46
C HIS C 30 -9.50 11.41 -26.90
N PRO C 31 -8.83 10.27 -26.74
CA PRO C 31 -7.44 10.23 -27.21
C PRO C 31 -7.37 10.11 -28.72
N LEU C 32 -8.42 9.61 -29.34
CA LEU C 32 -8.43 9.44 -30.79
C LEU C 32 -9.19 10.63 -31.43
N ASP C 33 -9.16 10.73 -32.76
CA ASP C 33 -9.63 11.92 -33.43
C ASP C 33 -10.89 11.56 -34.17
N GLU C 34 -11.44 12.54 -34.87
CA GLU C 34 -12.69 12.39 -35.66
C GLU C 34 -12.75 11.35 -36.77
N THR C 35 -11.59 10.77 -37.13
CA THR C 35 -11.46 9.69 -38.10
C THR C 35 -11.56 8.30 -37.49
N GLN C 36 -11.44 8.16 -36.16
CA GLN C 36 -11.40 6.88 -35.44
C GLN C 36 -12.43 6.68 -34.30
N SER C 37 -13.26 7.69 -34.04
CA SER C 37 -14.12 7.76 -32.88
C SER C 37 -15.50 8.27 -33.29
N TYR C 38 -16.55 7.62 -32.82
CA TYR C 38 -17.89 8.05 -33.21
C TYR C 38 -18.25 9.40 -32.61
N SER C 39 -17.99 9.57 -31.32
CA SER C 39 -18.21 10.86 -30.65
C SER C 39 -17.47 12.03 -31.30
N MET C 40 -16.20 11.86 -31.62
CA MET C 40 -15.39 12.91 -32.25
C MET C 40 -15.80 13.18 -33.70
N ALA C 41 -16.28 12.15 -34.43
CA ALA C 41 -16.86 12.31 -35.80
C ALA C 41 -18.15 13.17 -35.76
N VAL C 42 -19.04 12.88 -34.83
CA VAL C 42 -20.26 13.65 -34.66
C VAL C 42 -19.97 15.04 -34.11
N GLY C 43 -19.02 15.15 -33.16
CA GLY C 43 -18.63 16.43 -32.59
C GLY C 43 -18.09 17.40 -33.66
N LYS C 44 -17.27 16.83 -34.48
CA LYS C 44 -16.66 17.58 -35.53
C LYS C 44 -17.66 18.10 -36.58
N ALA C 45 -18.62 17.24 -36.96
CA ALA C 45 -19.72 17.68 -37.89
C ALA C 45 -20.51 18.78 -37.23
N PHE C 46 -20.79 18.63 -35.93
CA PHE C 46 -21.46 19.70 -35.19
C PHE C 46 -20.66 21.03 -35.24
N ILE C 47 -19.42 21.00 -34.80
CA ILE C 47 -18.71 22.25 -34.61
C ILE C 47 -18.32 22.88 -35.96
N ASP C 48 -18.04 22.08 -36.98
CA ASP C 48 -17.73 22.63 -38.30
C ASP C 48 -18.91 23.40 -38.80
N THR C 49 -20.07 22.80 -38.64
CA THR C 49 -21.28 23.40 -39.08
C THR C 49 -21.60 24.62 -38.25
N TYR C 50 -21.47 24.53 -36.93
CA TYR C 50 -21.71 25.68 -36.04
C TYR C 50 -20.88 26.88 -36.54
N LYS C 51 -19.60 26.63 -36.82
CA LYS C 51 -18.66 27.70 -37.32
C LYS C 51 -19.11 28.24 -38.65
N GLU C 52 -19.57 27.37 -39.53
CA GLU C 52 -20.06 27.82 -40.87
C GLU C 52 -21.26 28.77 -40.69
N VAL C 53 -22.16 28.45 -39.75
CA VAL C 53 -23.36 29.22 -39.52
C VAL C 53 -23.11 30.49 -38.69
N ASN C 54 -22.11 30.46 -37.79
CA ASN C 54 -21.82 31.54 -36.89
C ASN C 54 -20.37 31.97 -37.04
N PRO C 55 -19.99 32.50 -38.24
CA PRO C 55 -18.56 32.68 -38.50
C PRO C 55 -17.86 33.69 -37.57
N ASN C 56 -18.62 34.58 -36.95
CA ASN C 56 -18.04 35.56 -36.06
C ASN C 56 -17.73 35.01 -34.67
N ASP C 57 -18.33 33.88 -34.26
CA ASP C 57 -18.14 33.36 -32.91
C ASP C 57 -16.72 32.88 -32.74
N GLU C 58 -16.21 33.04 -31.52
CA GLU C 58 -14.91 32.54 -31.22
C GLU C 58 -15.12 31.08 -30.76
N VAL C 59 -14.65 30.08 -31.51
CA VAL C 59 -14.79 28.70 -31.11
C VAL C 59 -13.43 28.12 -30.74
N ILE C 60 -13.28 27.79 -29.46
CA ILE C 60 -12.00 27.27 -28.89
C ILE C 60 -12.12 25.77 -28.67
N HIS C 61 -11.25 24.98 -29.28
CA HIS C 61 -11.15 23.55 -29.01
C HIS C 61 -10.27 23.32 -27.79
N ILE C 62 -10.91 22.84 -26.73
CA ILE C 62 -10.21 22.34 -25.57
C ILE C 62 -10.11 20.80 -25.61
N ASP C 63 -8.96 20.31 -26.03
CA ASP C 63 -8.74 18.87 -26.12
C ASP C 63 -8.11 18.46 -24.77
N LEU C 64 -8.91 17.77 -23.96
CA LEU C 64 -8.49 17.42 -22.62
C LEU C 64 -7.40 16.38 -22.60
N TYR C 65 -7.19 15.67 -23.70
CA TYR C 65 -6.04 14.80 -23.77
C TYR C 65 -4.73 15.49 -24.15
N LYS C 66 -4.76 16.75 -24.57
CA LYS C 66 -3.53 17.42 -24.98
C LYS C 66 -3.17 18.52 -24.05
N GLU C 67 -4.19 19.15 -23.47
CA GLU C 67 -3.94 20.23 -22.55
C GLU C 67 -3.54 19.74 -21.16
N ASN C 68 -2.92 20.66 -20.43
CA ASN C 68 -2.62 20.45 -19.03
C ASN C 68 -3.89 20.59 -18.17
N ILE C 69 -4.40 19.49 -17.63
CA ILE C 69 -5.60 19.57 -16.81
C ILE C 69 -5.28 18.99 -15.45
N PRO C 70 -4.78 19.84 -14.52
CA PRO C 70 -4.25 19.25 -13.30
C PRO C 70 -5.34 18.64 -12.42
N GLN C 71 -5.08 17.43 -11.92
CA GLN C 71 -5.98 16.88 -10.89
C GLN C 71 -5.80 17.63 -9.54
N ILE C 72 -6.84 17.70 -8.70
CA ILE C 72 -6.67 18.25 -7.33
C ILE C 72 -5.86 17.25 -6.48
N ASP C 73 -4.70 17.72 -6.03
CA ASP C 73 -3.73 16.90 -5.30
C ASP C 73 -3.22 17.63 -4.08
N ALA C 74 -2.19 17.08 -3.45
CA ALA C 74 -1.67 17.68 -2.21
C ALA C 74 -1.24 19.14 -2.42
N ASP C 75 -0.57 19.43 -3.52
CA ASP C 75 -0.08 20.78 -3.80
C ASP C 75 -1.27 21.76 -3.99
N VAL C 76 -2.30 21.32 -4.69
CA VAL C 76 -3.45 22.21 -4.88
C VAL C 76 -4.13 22.51 -3.56
N PHE C 77 -4.39 21.50 -2.73
CA PHE C 77 -4.93 21.72 -1.39
C PHE C 77 -4.08 22.73 -0.56
N SER C 78 -2.76 22.54 -0.61
CA SER C 78 -1.80 23.36 0.14
C SER C 78 -1.85 24.79 -0.31
N GLY C 79 -1.79 24.99 -1.62
CA GLY C 79 -1.75 26.33 -2.18
C GLY C 79 -3.07 27.01 -1.96
N TRP C 80 -4.17 26.31 -2.19
CA TRP C 80 -5.51 26.89 -1.86
C TRP C 80 -5.59 27.34 -0.39
N GLY C 81 -5.18 26.45 0.51
CA GLY C 81 -5.10 26.67 1.92
C GLY C 81 -4.33 27.93 2.21
N LYS C 82 -3.14 28.07 1.62
CA LYS C 82 -2.37 29.28 1.83
C LYS C 82 -3.12 30.57 1.43
N LEU C 83 -3.76 30.53 0.27
CA LEU C 83 -4.50 31.63 -0.28
C LEU C 83 -5.70 31.95 0.63
N GLN C 84 -6.38 30.89 1.07
CA GLN C 84 -7.48 30.96 2.02
C GLN C 84 -7.09 31.54 3.42
N SER C 85 -5.84 31.38 3.86
CA SER C 85 -5.37 31.88 5.15
C SER C 85 -4.82 33.31 5.05
N GLY C 86 -4.86 33.91 3.85
CA GLY C 86 -4.53 35.33 3.65
C GLY C 86 -3.15 35.58 3.11
N LYS C 87 -2.45 34.50 2.75
CA LYS C 87 -1.17 34.62 2.05
C LYS C 87 -1.28 35.10 0.62
N GLY C 88 -0.26 35.83 0.17
CA GLY C 88 -0.14 36.20 -1.22
C GLY C 88 0.27 34.98 -2.07
N PHE C 89 -0.10 35.04 -3.34
CA PHE C 89 0.27 34.01 -4.30
C PHE C 89 1.76 33.77 -4.22
N GLU C 90 2.53 34.84 -4.03
CA GLU C 90 3.98 34.75 -3.87
C GLU C 90 4.49 33.79 -2.80
N GLU C 91 3.69 33.47 -1.79
CA GLU C 91 4.14 32.52 -0.76
C GLU C 91 3.90 31.06 -1.16
N LEU C 92 3.27 30.81 -2.30
CA LEU C 92 3.14 29.43 -2.81
C LEU C 92 4.47 28.91 -3.34
N THR C 93 4.70 27.62 -3.20
CA THR C 93 5.87 27.00 -3.84
C THR C 93 5.69 27.02 -5.38
N ALA C 94 6.76 26.71 -6.10
CA ALA C 94 6.74 26.73 -7.58
C ALA C 94 5.68 25.80 -8.15
N GLU C 95 5.61 24.60 -7.57
CA GLU C 95 4.69 23.58 -8.04
C GLU C 95 3.23 24.00 -7.61
N GLU C 96 3.06 24.60 -6.42
CA GLU C 96 1.73 25.13 -5.99
C GLU C 96 1.26 26.22 -6.91
N LYS C 97 2.16 27.16 -7.22
CA LYS C 97 1.84 28.21 -8.21
C LYS C 97 1.43 27.68 -9.58
N ALA C 98 2.17 26.70 -10.13
CA ALA C 98 1.87 26.23 -11.44
C ALA C 98 0.52 25.53 -11.51
N LYS C 99 0.17 24.79 -10.45
CA LYS C 99 -1.06 23.99 -10.48
C LYS C 99 -2.25 24.90 -10.12
N VAL C 100 -2.12 25.67 -9.06
CA VAL C 100 -3.19 26.61 -8.66
C VAL C 100 -3.48 27.64 -9.76
N GLY C 101 -2.41 28.15 -10.36
CA GLY C 101 -2.44 29.05 -11.54
C GLY C 101 -3.18 28.51 -12.73
N ARG C 102 -2.83 27.27 -13.08
CA ARG C 102 -3.44 26.60 -14.21
C ARG C 102 -4.93 26.34 -14.02
N LEU C 103 -5.32 25.85 -12.83
CA LEU C 103 -6.72 25.66 -12.43
C LEU C 103 -7.54 26.99 -12.48
N ALA C 104 -6.95 28.09 -12.02
CA ALA C 104 -7.51 29.38 -12.21
C ALA C 104 -7.73 29.81 -13.67
N GLU C 105 -6.77 29.49 -14.58
CA GLU C 105 -6.92 29.78 -16.03
C GLU C 105 -8.12 29.05 -16.61
N LEU C 106 -8.20 27.75 -16.30
CA LEU C 106 -9.31 26.91 -16.74
C LEU C 106 -10.67 27.40 -16.26
N SER C 107 -10.73 27.74 -14.98
CA SER C 107 -11.88 28.27 -14.31
C SER C 107 -12.33 29.58 -14.97
N ASP C 108 -11.38 30.49 -15.17
CA ASP C 108 -11.71 31.83 -15.77
C ASP C 108 -12.19 31.67 -17.20
N GLN C 109 -11.47 30.82 -17.95
CA GLN C 109 -11.86 30.52 -19.29
C GLN C 109 -13.28 30.00 -19.41
N PHE C 110 -13.70 29.10 -18.49
CA PHE C 110 -15.00 28.50 -18.53
C PHE C 110 -16.08 29.55 -18.28
N VAL C 111 -15.83 30.41 -17.30
CA VAL C 111 -16.80 31.48 -16.97
C VAL C 111 -16.95 32.53 -18.05
N ALA C 112 -15.89 32.76 -18.80
CA ALA C 112 -15.88 33.74 -19.83
C ALA C 112 -16.59 33.30 -21.06
N ALA C 113 -16.77 32.00 -21.28
CA ALA C 113 -17.49 31.56 -22.47
C ALA C 113 -19.02 31.70 -22.35
N ASP C 114 -19.70 31.73 -23.50
CA ASP C 114 -21.17 31.80 -23.58
C ASP C 114 -21.80 30.47 -23.74
N LYS C 115 -21.11 29.53 -24.42
CA LYS C 115 -21.68 28.21 -24.70
C LYS C 115 -20.62 27.13 -24.53
N TYR C 116 -21.08 25.97 -24.08
CA TYR C 116 -20.24 24.79 -23.85
C TYR C 116 -20.71 23.62 -24.69
N VAL C 117 -19.79 22.94 -25.37
CA VAL C 117 -20.05 21.70 -26.07
C VAL C 117 -19.12 20.64 -25.53
N PHE C 118 -19.65 19.64 -24.82
CA PHE C 118 -18.85 18.55 -24.26
C PHE C 118 -18.95 17.35 -25.20
N VAL C 119 -17.83 16.71 -25.55
CA VAL C 119 -17.82 15.54 -26.42
C VAL C 119 -17.04 14.41 -25.74
N THR C 120 -17.74 13.32 -25.46
CA THR C 120 -17.20 12.16 -24.74
C THR C 120 -17.62 10.78 -25.27
N PRO C 121 -16.69 9.83 -25.19
CA PRO C 121 -17.09 8.44 -25.32
C PRO C 121 -17.61 7.92 -23.94
N MET C 122 -18.45 6.91 -23.96
CA MET C 122 -18.88 6.28 -22.70
C MET C 122 -17.95 5.16 -22.40
N TRP C 123 -17.17 5.36 -21.33
CA TRP C 123 -16.29 4.31 -20.82
C TRP C 123 -16.81 3.85 -19.48
N ASN C 124 -17.15 2.58 -19.37
CA ASN C 124 -17.74 2.05 -18.12
C ASN C 124 -18.84 2.90 -17.57
N PHE C 125 -19.79 3.21 -18.43
CA PHE C 125 -21.00 3.97 -18.04
C PHE C 125 -20.81 5.48 -17.89
N SER C 126 -19.58 5.98 -17.96
CA SER C 126 -19.32 7.39 -17.70
C SER C 126 -18.25 7.87 -18.73
N PHE C 127 -17.53 8.91 -18.41
CA PHE C 127 -16.61 9.53 -19.41
C PHE C 127 -15.19 9.19 -18.93
N PRO C 128 -14.17 9.53 -19.74
CA PRO C 128 -12.79 9.37 -19.33
C PRO C 128 -12.50 10.20 -18.07
N PRO C 129 -11.56 9.72 -17.24
CA PRO C 129 -11.18 10.41 -16.01
C PRO C 129 -10.90 11.90 -16.21
N VAL C 130 -10.27 12.28 -17.33
CA VAL C 130 -9.91 13.68 -17.55
C VAL C 130 -11.15 14.62 -17.60
N MET C 131 -12.27 14.09 -17.99
CA MET C 131 -13.50 14.87 -18.00
C MET C 131 -13.85 15.29 -16.56
N LYS C 132 -13.74 14.37 -15.61
CA LYS C 132 -13.96 14.76 -14.22
C LYS C 132 -12.92 15.80 -13.76
N ALA C 133 -11.65 15.65 -14.13
CA ALA C 133 -10.68 16.65 -13.79
C ALA C 133 -11.02 18.05 -14.31
N TYR C 134 -11.55 18.09 -15.53
CA TYR C 134 -11.92 19.35 -16.10
C TYR C 134 -13.12 19.95 -15.37
N ILE C 135 -14.11 19.11 -15.07
CA ILE C 135 -15.24 19.60 -14.23
C ILE C 135 -14.72 20.12 -12.84
N ASP C 136 -13.83 19.35 -12.19
CA ASP C 136 -13.22 19.82 -10.92
C ASP C 136 -12.47 21.14 -11.09
N SER C 137 -11.89 21.35 -12.27
CA SER C 137 -11.22 22.61 -12.52
C SER C 137 -12.09 23.82 -12.67
N VAL C 138 -13.30 23.62 -13.13
CA VAL C 138 -14.19 24.78 -13.45
C VAL C 138 -15.27 25.01 -12.40
N ALA C 139 -15.51 24.00 -11.55
CA ALA C 139 -16.51 24.06 -10.47
C ALA C 139 -15.96 24.89 -9.32
N VAL C 140 -16.16 26.23 -9.38
CA VAL C 140 -15.44 27.13 -8.48
C VAL C 140 -16.40 28.12 -7.89
N ALA C 141 -16.36 28.21 -6.56
CA ALA C 141 -17.27 29.09 -5.82
C ALA C 141 -16.95 30.53 -6.21
N GLY C 142 -17.99 31.33 -6.43
CA GLY C 142 -17.85 32.70 -6.92
C GLY C 142 -17.64 32.81 -8.44
N LYS C 143 -17.49 31.68 -9.13
CA LYS C 143 -17.32 31.68 -10.58
C LYS C 143 -18.48 30.97 -11.28
N THR C 144 -18.76 29.70 -10.93
CA THR C 144 -19.85 28.99 -11.55
C THR C 144 -21.02 28.69 -10.58
N PHE C 145 -20.77 28.79 -9.27
CA PHE C 145 -21.88 28.71 -8.31
C PHE C 145 -21.46 29.62 -7.12
N LYS C 146 -22.39 29.91 -6.24
CA LYS C 146 -22.05 30.52 -4.94
C LYS C 146 -22.85 29.77 -3.85
N TYR C 147 -22.24 29.63 -2.69
CA TYR C 147 -23.03 29.20 -1.51
C TYR C 147 -24.12 30.22 -1.10
N THR C 148 -25.20 29.67 -0.51
CA THR C 148 -26.21 30.47 0.21
C THR C 148 -26.28 30.08 1.69
N GLU C 149 -27.17 30.78 2.40
CA GLU C 149 -27.63 30.38 3.71
C GLU C 149 -28.37 29.05 3.61
N GLY C 151 -28.15 26.16 0.73
CA GLY C 151 -27.26 25.29 -0.03
C GLY C 151 -26.38 26.12 -0.98
N SER C 152 -26.83 26.26 -2.21
CA SER C 152 -26.05 26.92 -3.28
C SER C 152 -26.90 27.39 -4.44
N VAL C 153 -26.31 28.27 -5.26
CA VAL C 153 -27.00 28.70 -6.41
C VAL C 153 -26.04 28.80 -7.56
N GLY C 154 -26.55 28.48 -8.73
CA GLY C 154 -25.80 28.59 -9.96
C GLY C 154 -25.62 30.02 -10.46
N LEU C 155 -24.43 30.33 -10.97
CA LEU C 155 -24.20 31.64 -11.54
C LEU C 155 -24.25 31.71 -13.05
N LEU C 156 -24.31 30.58 -13.74
CA LEU C 156 -24.23 30.52 -15.21
C LEU C 156 -25.65 30.52 -15.83
N THR C 157 -26.41 31.49 -15.36
CA THR C 157 -27.79 31.61 -15.70
C THR C 157 -28.01 32.00 -17.16
N ASP C 158 -27.03 32.53 -17.86
CA ASP C 158 -27.30 32.86 -19.22
C ASP C 158 -26.32 32.18 -20.19
N LYS C 159 -25.85 31.01 -19.78
CA LYS C 159 -25.08 30.11 -20.63
C LYS C 159 -25.96 29.00 -21.27
N LYS C 160 -25.40 28.17 -22.15
CA LYS C 160 -26.12 27.11 -22.80
C LYS C 160 -25.10 26.01 -23.00
N ALA C 161 -25.53 24.76 -23.02
CA ALA C 161 -24.63 23.66 -23.20
C ALA C 161 -25.22 22.48 -23.93
N LEU C 162 -24.31 21.72 -24.55
CA LEU C 162 -24.63 20.54 -25.31
C LEU C 162 -23.62 19.47 -25.00
N HIS C 163 -24.08 18.24 -24.86
CA HIS C 163 -23.23 17.07 -24.66
C HIS C 163 -23.49 16.07 -25.76
N ILE C 164 -22.46 15.76 -26.57
CA ILE C 164 -22.42 14.64 -27.51
C ILE C 164 -21.70 13.46 -26.90
N GLN C 165 -22.42 12.34 -26.78
CA GLN C 165 -21.87 11.14 -26.19
C GLN C 165 -21.99 9.97 -27.10
N ALA C 166 -20.92 9.18 -27.23
CA ALA C 166 -21.04 7.94 -27.97
C ALA C 166 -21.00 6.73 -27.04
N SER C 167 -21.80 5.71 -27.38
CA SER C 167 -21.75 4.42 -26.65
C SER C 167 -21.99 3.23 -27.59
N GLY C 168 -21.26 2.13 -27.37
CA GLY C 168 -21.49 0.85 -28.07
C GLY C 168 -22.92 0.34 -27.96
N GLY C 169 -23.49 0.36 -26.76
CA GLY C 169 -24.91 -0.03 -26.57
C GLY C 169 -25.83 1.17 -26.37
N ILE C 170 -27.12 0.91 -26.28
CA ILE C 170 -28.11 1.96 -26.06
C ILE C 170 -28.30 2.28 -24.55
N PHE C 171 -28.07 3.54 -24.17
CA PHE C 171 -28.21 3.99 -22.80
C PHE C 171 -29.06 5.23 -22.60
N SER C 172 -29.56 5.82 -23.68
CA SER C 172 -30.49 6.93 -23.57
C SER C 172 -31.90 6.51 -23.15
N GLU C 173 -32.28 5.25 -23.39
CA GLU C 173 -33.66 4.73 -23.37
C GLU C 173 -33.56 3.21 -23.15
N GLY C 174 -34.63 2.50 -22.78
CA GLY C 174 -34.57 1.05 -22.55
C GLY C 174 -34.31 0.81 -21.08
N PRO C 175 -34.23 -0.47 -20.66
CA PRO C 175 -33.93 -0.75 -19.26
C PRO C 175 -32.51 -0.37 -18.85
N ALA C 176 -31.58 -0.26 -19.80
CA ALA C 176 -30.20 0.19 -19.50
C ALA C 176 -30.10 1.71 -19.20
N ALA C 177 -31.17 2.47 -19.48
CA ALA C 177 -31.20 3.92 -19.09
C ALA C 177 -30.73 4.20 -17.68
N GLU C 178 -31.01 3.30 -16.75
CA GLU C 178 -30.67 3.49 -15.36
C GLU C 178 -29.16 3.44 -15.04
N MET C 179 -28.44 2.87 -15.96
CA MET C 179 -27.01 2.70 -15.84
C MET C 179 -26.22 3.90 -16.40
N GLU C 180 -26.88 4.75 -17.15
CA GLU C 180 -26.21 5.88 -17.79
C GLU C 180 -25.69 6.81 -16.71
N MET C 181 -24.39 7.07 -16.70
CA MET C 181 -23.81 7.89 -15.67
C MET C 181 -22.97 9.09 -16.17
N GLY C 182 -22.71 9.23 -17.47
CA GLY C 182 -21.89 10.33 -17.98
C GLY C 182 -22.73 11.58 -18.22
N HIS C 183 -23.72 11.43 -19.06
CA HIS C 183 -24.67 12.49 -19.31
C HIS C 183 -25.40 12.90 -18.05
N ARG C 184 -25.71 11.90 -17.23
CA ARG C 184 -26.46 12.16 -15.96
C ARG C 184 -25.64 13.03 -15.05
N TYR C 185 -24.35 12.73 -14.98
CA TYR C 185 -23.43 13.54 -14.15
C TYR C 185 -23.31 14.97 -14.71
N LEU C 186 -23.02 15.13 -15.98
CA LEU C 186 -23.00 16.46 -16.54
C LEU C 186 -24.30 17.17 -16.40
N GLN C 187 -25.44 16.46 -16.50
CA GLN C 187 -26.73 17.13 -16.19
C GLN C 187 -26.78 17.69 -14.78
N ALA C 188 -26.39 16.90 -13.78
CA ALA C 188 -26.29 17.39 -12.40
C ALA C 188 -25.44 18.64 -12.24
N ILE C 189 -24.26 18.64 -12.88
CA ILE C 189 -23.36 19.77 -12.81
C ILE C 189 -23.92 21.00 -13.53
N MET C 190 -24.54 20.79 -14.70
CA MET C 190 -25.16 21.95 -15.41
C MET C 190 -26.30 22.57 -14.54
N ASN C 191 -27.06 21.73 -13.85
CA ASN C 191 -28.03 22.20 -12.81
C ASN C 191 -27.40 22.93 -11.65
N PHE C 192 -26.37 22.33 -11.06
CA PHE C 192 -25.57 22.96 -10.05
C PHE C 192 -25.05 24.33 -10.51
N PHE C 193 -24.61 24.47 -11.75
CA PHE C 193 -24.09 25.75 -12.24
C PHE C 193 -25.19 26.78 -12.65
N GLY C 194 -26.43 26.36 -12.64
CA GLY C 194 -27.55 27.21 -13.06
C GLY C 194 -27.75 27.32 -14.56
N VAL C 195 -27.16 26.43 -15.37
CA VAL C 195 -27.24 26.57 -16.82
C VAL C 195 -28.67 26.21 -17.23
N PRO C 196 -29.44 27.15 -17.79
CA PRO C 196 -30.85 26.85 -18.05
C PRO C 196 -31.10 25.89 -19.24
N SER C 197 -30.12 25.68 -20.10
CA SER C 197 -30.32 24.85 -21.24
C SER C 197 -29.20 23.82 -21.43
N PHE C 198 -29.51 22.53 -21.37
CA PHE C 198 -28.48 21.49 -21.50
C PHE C 198 -29.08 20.44 -22.34
N GLU C 199 -28.49 20.21 -23.51
CA GLU C 199 -29.00 19.22 -24.50
C GLU C 199 -28.02 18.06 -24.60
N GLY C 200 -28.57 16.88 -24.84
CA GLY C 200 -27.82 15.69 -25.17
C GLY C 200 -28.02 15.30 -26.63
N LEU C 201 -26.96 14.77 -27.24
CA LEU C 201 -27.03 14.12 -28.56
C LEU C 201 -26.23 12.84 -28.48
N PHE C 202 -26.91 11.70 -28.55
CA PHE C 202 -26.26 10.41 -28.38
C PHE C 202 -26.01 9.71 -29.70
N VAL C 203 -24.84 9.06 -29.83
CA VAL C 203 -24.53 8.19 -30.97
C VAL C 203 -24.33 6.82 -30.35
N GLU C 204 -25.35 5.97 -30.40
CA GLU C 204 -25.42 4.74 -29.61
C GLU C 204 -25.93 3.53 -30.40
N GLY C 205 -25.46 2.33 -30.04
CA GLY C 205 -25.96 1.07 -30.64
C GLY C 205 -24.97 0.40 -31.55
N GLN C 206 -24.00 1.18 -31.98
CA GLN C 206 -23.06 0.79 -33.01
C GLN C 206 -22.21 -0.41 -32.72
N ASN C 207 -21.98 -0.73 -31.46
CA ASN C 207 -21.23 -1.97 -31.11
C ASN C 207 -22.19 -3.12 -30.84
N ALA C 208 -23.39 -2.82 -30.36
CA ALA C 208 -24.37 -3.86 -30.05
C ALA C 208 -25.01 -4.42 -31.34
N MET C 209 -25.20 -3.54 -32.34
CA MET C 209 -25.76 -3.90 -33.67
C MET C 209 -24.82 -3.41 -34.79
N PRO C 210 -23.69 -4.12 -34.99
CA PRO C 210 -22.63 -3.65 -35.90
C PRO C 210 -23.04 -3.50 -37.35
N ASP C 211 -24.06 -4.24 -37.79
CA ASP C 211 -24.59 -4.12 -39.16
C ASP C 211 -25.33 -2.76 -39.33
N LYS C 212 -25.77 -2.14 -38.21
CA LYS C 212 -26.36 -0.78 -38.25
C LYS C 212 -25.40 0.36 -37.93
N ALA C 213 -24.14 0.06 -37.68
CA ALA C 213 -23.18 1.10 -37.27
C ALA C 213 -23.13 2.30 -38.23
N GLN C 214 -23.15 2.09 -39.55
CA GLN C 214 -22.89 3.22 -40.44
C GLN C 214 -24.09 4.19 -40.45
N GLU C 215 -25.27 3.60 -40.57
CA GLU C 215 -26.55 4.33 -40.42
C GLU C 215 -26.75 5.05 -39.05
N ILE C 216 -26.38 4.41 -37.96
CA ILE C 216 -26.36 5.08 -36.63
C ILE C 216 -25.54 6.37 -36.66
N LYS C 217 -24.29 6.24 -37.09
CA LYS C 217 -23.42 7.37 -37.24
C LYS C 217 -23.98 8.41 -38.23
N GLU C 218 -24.48 7.99 -39.38
CA GLU C 218 -24.87 8.99 -40.39
C GLU C 218 -26.10 9.77 -39.92
N LYS C 219 -26.99 9.10 -39.20
CA LYS C 219 -28.15 9.77 -38.61
C LYS C 219 -27.74 10.73 -37.53
N ALA C 220 -26.81 10.36 -36.67
CA ALA C 220 -26.28 11.28 -35.67
C ALA C 220 -25.50 12.47 -36.26
N ILE C 221 -24.69 12.26 -37.28
CA ILE C 221 -24.04 13.37 -37.99
C ILE C 221 -25.09 14.33 -38.55
N ALA C 222 -26.09 13.78 -39.24
CA ALA C 222 -27.15 14.67 -39.77
C ALA C 222 -27.83 15.40 -38.67
N ARG C 223 -28.14 14.72 -37.57
CA ARG C 223 -28.73 15.45 -36.44
C ARG C 223 -27.80 16.58 -35.89
N ALA C 224 -26.50 16.29 -35.80
CA ALA C 224 -25.52 17.27 -35.27
C ALA C 224 -25.52 18.52 -36.13
N LYS C 225 -25.49 18.33 -37.43
CA LYS C 225 -25.54 19.41 -38.39
C LYS C 225 -26.81 20.26 -38.23
N ASP C 226 -27.91 19.58 -38.05
CA ASP C 226 -29.17 20.22 -37.83
C ASP C 226 -29.16 21.10 -36.57
N LEU C 227 -28.70 20.53 -35.47
CA LEU C 227 -28.61 21.26 -34.22
C LEU C 227 -27.71 22.49 -34.28
N ALA C 228 -26.64 22.39 -35.05
CA ALA C 228 -25.66 23.47 -35.19
C ALA C 228 -26.24 24.69 -35.85
N HIS C 229 -27.35 24.53 -36.56
CA HIS C 229 -28.06 25.65 -37.13
C HIS C 229 -28.88 26.41 -36.13
N THR C 230 -29.18 25.85 -34.96
CA THR C 230 -29.95 26.58 -33.95
C THR C 230 -29.20 26.86 -32.64
N PHE C 231 -28.14 26.11 -32.32
CA PHE C 231 -27.40 26.22 -31.09
C PHE C 231 -26.85 27.59 -30.87
N MET D 21 17.62 -28.51 41.02
CA MET D 21 18.61 -27.49 41.20
C MET D 21 18.75 -26.35 40.17
N ALA D 22 18.99 -26.59 38.89
CA ALA D 22 18.94 -25.51 37.88
C ALA D 22 17.82 -25.67 36.90
N LYS D 23 17.33 -24.52 36.41
CA LYS D 23 16.26 -24.46 35.44
C LYS D 23 16.85 -24.00 34.11
N VAL D 24 16.66 -24.77 33.05
CA VAL D 24 17.31 -24.52 31.77
C VAL D 24 16.18 -24.31 30.74
N LEU D 25 16.28 -23.25 29.93
CA LEU D 25 15.38 -23.08 28.79
C LEU D 25 16.09 -23.46 27.53
N TYR D 26 15.54 -24.49 26.86
CA TYR D 26 15.98 -25.03 25.58
C TYR D 26 15.08 -24.45 24.47
N ILE D 27 15.51 -23.35 23.90
CA ILE D 27 14.73 -22.50 23.04
C ILE D 27 15.12 -22.73 21.59
N THR D 28 14.18 -23.23 20.80
CA THR D 28 14.48 -23.65 19.43
C THR D 28 13.63 -22.87 18.49
N ALA D 29 14.22 -22.47 17.37
CA ALA D 29 13.53 -21.76 16.32
C ALA D 29 13.67 -22.48 14.98
N HIS D 30 12.90 -23.56 14.83
CA HIS D 30 12.94 -24.35 13.62
C HIS D 30 11.62 -25.04 13.46
N PRO D 31 11.01 -24.90 12.29
CA PRO D 31 9.74 -25.63 12.02
C PRO D 31 9.91 -27.11 11.83
N LEU D 32 11.11 -27.58 11.55
CA LEU D 32 11.38 -29.01 11.35
C LEU D 32 12.04 -29.60 12.60
N ASP D 33 12.11 -30.93 12.68
CA ASP D 33 12.65 -31.53 13.85
C ASP D 33 14.11 -32.02 13.68
N GLU D 34 14.58 -32.65 14.75
CA GLU D 34 15.90 -33.26 14.85
C GLU D 34 16.23 -34.29 13.76
N THR D 35 15.22 -34.78 13.02
CA THR D 35 15.47 -35.72 11.93
C THR D 35 15.64 -35.04 10.58
N GLN D 36 15.43 -33.72 10.48
CA GLN D 36 15.51 -32.95 9.22
C GLN D 36 16.43 -31.73 9.26
N SER D 37 16.91 -31.35 10.41
CA SER D 37 17.57 -30.09 10.60
C SER D 37 18.92 -30.38 11.24
N TYR D 38 19.98 -29.75 10.74
CA TYR D 38 21.34 -29.83 11.35
C TYR D 38 21.39 -29.17 12.72
N SER D 39 20.80 -27.98 12.82
CA SER D 39 20.76 -27.34 14.12
C SER D 39 19.99 -28.12 15.20
N MET D 40 18.83 -28.66 14.87
CA MET D 40 18.00 -29.36 15.78
C MET D 40 18.65 -30.69 16.16
N ALA D 41 19.40 -31.33 15.25
CA ALA D 41 20.10 -32.62 15.53
C ALA D 41 21.21 -32.38 16.57
N VAL D 42 21.98 -31.33 16.37
CA VAL D 42 23.04 -30.95 17.28
C VAL D 42 22.47 -30.48 18.62
N GLY D 43 21.40 -29.69 18.59
CA GLY D 43 20.81 -29.22 19.81
C GLY D 43 20.19 -30.35 20.59
N LYS D 44 19.62 -31.32 19.89
CA LYS D 44 19.03 -32.48 20.57
C LYS D 44 20.12 -33.37 21.21
N ALA D 45 21.24 -33.57 20.53
CA ALA D 45 22.38 -34.33 21.13
C ALA D 45 22.84 -33.61 22.39
N PHE D 46 22.97 -32.27 22.31
CA PHE D 46 23.35 -31.46 23.45
C PHE D 46 22.39 -31.66 24.67
N ILE D 47 21.12 -31.43 24.40
CA ILE D 47 20.17 -31.36 25.49
C ILE D 47 19.90 -32.74 26.11
N ASP D 48 19.90 -33.78 25.28
CA ASP D 48 19.72 -35.16 25.80
C ASP D 48 20.92 -35.53 26.73
N THR D 49 22.14 -35.20 26.30
CA THR D 49 23.31 -35.43 27.11
C THR D 49 23.30 -34.57 28.37
N TYR D 50 22.88 -33.29 28.22
CA TYR D 50 22.79 -32.41 29.35
C TYR D 50 21.89 -33.04 30.43
N LYS D 51 20.74 -33.52 30.02
CA LYS D 51 19.78 -34.00 30.99
C LYS D 51 20.26 -35.37 31.60
N GLU D 52 21.01 -36.17 30.83
CA GLU D 52 21.67 -37.37 31.36
C GLU D 52 22.72 -37.04 32.41
N VAL D 53 23.50 -36.00 32.19
CA VAL D 53 24.54 -35.61 33.13
C VAL D 53 23.95 -34.85 34.33
N ASN D 54 22.84 -34.13 34.13
CA ASN D 54 22.21 -33.33 35.18
C ASN D 54 20.76 -33.73 35.38
N PRO D 55 20.47 -34.95 35.83
CA PRO D 55 19.10 -35.46 35.85
C PRO D 55 18.15 -34.63 36.72
N ASN D 56 18.67 -33.97 37.74
CA ASN D 56 17.83 -33.18 38.59
C ASN D 56 17.34 -31.83 37.99
N ASP D 57 18.01 -31.37 36.94
CA ASP D 57 17.65 -30.08 36.41
C ASP D 57 16.33 -30.10 35.70
N GLU D 58 15.65 -28.97 35.71
CA GLU D 58 14.40 -28.81 35.04
C GLU D 58 14.68 -28.25 33.66
N VAL D 59 14.39 -28.99 32.62
CA VAL D 59 14.73 -28.57 31.28
C VAL D 59 13.44 -28.39 30.50
N ILE D 60 13.18 -27.13 30.11
CA ILE D 60 11.91 -26.70 29.42
C ILE D 60 12.21 -26.47 27.95
N HIS D 61 11.67 -27.30 27.05
CA HIS D 61 11.80 -27.03 25.61
C HIS D 61 10.80 -25.94 25.19
N ILE D 62 11.33 -24.78 24.81
CA ILE D 62 10.50 -23.65 24.30
C ILE D 62 10.59 -23.73 22.78
N ASP D 63 9.58 -24.30 22.14
CA ASP D 63 9.57 -24.44 20.70
C ASP D 63 8.84 -23.17 20.13
N LEU D 64 9.69 -22.25 19.63
CA LEU D 64 9.16 -20.98 19.17
C LEU D 64 8.26 -21.14 17.97
N TYR D 65 8.28 -22.27 17.31
CA TYR D 65 7.34 -22.47 16.22
C TYR D 65 6.00 -23.06 16.65
N LYS D 66 5.89 -23.55 17.87
CA LYS D 66 4.64 -24.12 18.37
C LYS D 66 3.96 -23.22 19.39
N GLU D 67 4.74 -22.50 20.18
CA GLU D 67 4.18 -21.67 21.19
C GLU D 67 3.68 -20.37 20.61
N ASN D 68 2.86 -19.72 21.39
CA ASN D 68 2.40 -18.40 21.15
C ASN D 68 3.44 -17.37 21.53
N ILE D 69 3.98 -16.72 20.54
CA ILE D 69 5.08 -15.73 20.78
C ILE D 69 4.68 -14.41 20.10
N PRO D 70 3.87 -13.56 20.79
CA PRO D 70 3.30 -12.38 20.14
C PRO D 70 4.35 -11.39 19.69
N GLN D 71 4.24 -10.91 18.44
CA GLN D 71 5.07 -9.76 18.02
C GLN D 71 4.57 -8.48 18.70
N ILE D 72 5.43 -7.47 18.82
CA ILE D 72 4.90 -6.22 19.23
C ILE D 72 4.12 -5.58 18.10
N ASP D 73 2.84 -5.32 18.39
CA ASP D 73 1.87 -4.78 17.50
C ASP D 73 1.08 -3.60 18.14
N ALA D 74 0.08 -3.12 17.43
CA ALA D 74 -0.73 -1.99 17.91
C ALA D 74 -1.35 -2.27 19.30
N ASP D 75 -1.88 -3.44 19.47
CA ASP D 75 -2.44 -3.87 20.80
C ASP D 75 -1.42 -3.77 21.91
N VAL D 76 -0.20 -4.26 21.65
CA VAL D 76 0.85 -4.21 22.66
C VAL D 76 1.26 -2.78 23.01
N PHE D 77 1.45 -1.90 22.01
CA PHE D 77 1.73 -0.49 22.30
C PHE D 77 0.60 0.12 23.17
N SER D 78 -0.63 -0.17 22.77
CA SER D 78 -1.80 0.38 23.46
C SER D 78 -1.93 -0.15 24.90
N GLY D 79 -1.81 -1.46 25.06
CA GLY D 79 -1.89 -2.13 26.35
C GLY D 79 -0.80 -1.75 27.32
N TRP D 80 0.43 -1.70 26.79
CA TRP D 80 1.58 -1.22 27.53
C TRP D 80 1.44 0.25 27.95
N GLY D 81 0.94 1.06 27.02
CA GLY D 81 0.74 2.51 27.25
C GLY D 81 -0.25 2.69 28.40
N LYS D 82 -1.37 1.95 28.33
CA LYS D 82 -2.38 1.84 29.42
C LYS D 82 -1.76 1.50 30.80
N LEU D 83 -1.04 0.38 30.92
CA LEU D 83 -0.33 0.03 32.20
C LEU D 83 0.60 1.13 32.70
N GLN D 84 1.35 1.74 31.78
CA GLN D 84 2.21 2.89 32.11
C GLN D 84 1.40 4.09 32.68
N SER D 85 0.21 4.39 32.15
CA SER D 85 -0.67 5.45 32.70
C SER D 85 -1.39 4.98 33.95
N GLY D 86 -0.66 4.45 34.93
CA GLY D 86 -1.26 3.93 36.15
C GLY D 86 -2.18 2.73 36.07
N LYS D 87 -2.78 2.47 34.90
CA LYS D 87 -3.98 1.63 34.79
C LYS D 87 -3.74 0.16 35.21
N GLY D 88 -4.83 -0.56 35.51
CA GLY D 88 -4.80 -1.97 35.92
C GLY D 88 -5.12 -2.96 34.81
N PHE D 89 -4.45 -4.11 34.84
CA PHE D 89 -4.57 -5.14 33.80
C PHE D 89 -5.98 -5.48 33.27
N GLU D 90 -6.94 -5.54 34.18
CA GLU D 90 -8.34 -5.81 33.84
C GLU D 90 -9.04 -4.72 32.99
N GLU D 91 -8.48 -3.51 32.97
CA GLU D 91 -8.93 -2.42 32.08
C GLU D 91 -8.63 -2.68 30.61
N LEU D 92 -7.52 -3.36 30.33
CA LEU D 92 -7.10 -3.55 28.96
C LEU D 92 -8.17 -4.35 28.24
N THR D 93 -8.21 -4.23 26.91
CA THR D 93 -9.13 -4.97 26.06
C THR D 93 -8.74 -6.43 26.12
N ALA D 94 -9.66 -7.30 25.71
CA ALA D 94 -9.39 -8.74 25.68
C ALA D 94 -8.11 -9.11 24.91
N GLU D 95 -7.89 -8.43 23.79
CA GLU D 95 -6.79 -8.72 22.92
C GLU D 95 -5.50 -8.20 23.51
N GLU D 96 -5.61 -7.02 24.09
CA GLU D 96 -4.49 -6.41 24.76
C GLU D 96 -4.08 -7.31 25.93
N LYS D 97 -5.06 -7.75 26.72
CA LYS D 97 -4.80 -8.66 27.84
C LYS D 97 -4.09 -9.89 27.40
N ALA D 98 -4.58 -10.50 26.34
CA ALA D 98 -4.01 -11.73 25.87
C ALA D 98 -2.55 -11.54 25.44
N LYS D 99 -2.27 -10.51 24.67
CA LYS D 99 -0.89 -10.29 24.18
C LYS D 99 0.06 -9.83 25.27
N VAL D 100 -0.30 -8.75 25.98
CA VAL D 100 0.56 -8.20 27.02
C VAL D 100 0.84 -9.26 28.09
N GLY D 101 -0.20 -9.99 28.42
CA GLY D 101 -0.21 -11.12 29.34
C GLY D 101 0.76 -12.19 29.00
N ARG D 102 0.66 -12.65 27.75
CA ARG D 102 1.56 -13.65 27.26
C ARG D 102 3.03 -13.13 27.26
N LEU D 103 3.24 -11.88 26.85
CA LEU D 103 4.57 -11.29 26.81
C LEU D 103 5.18 -11.29 28.25
N ALA D 104 4.35 -10.94 29.22
CA ALA D 104 4.77 -10.98 30.65
C ALA D 104 5.12 -12.41 31.10
N GLU D 105 4.38 -13.43 30.69
CA GLU D 105 4.74 -14.81 31.01
C GLU D 105 6.13 -15.16 30.51
N LEU D 106 6.36 -14.79 29.23
CA LEU D 106 7.60 -15.07 28.55
C LEU D 106 8.81 -14.42 29.25
N SER D 107 8.63 -13.13 29.52
CA SER D 107 9.56 -12.34 30.26
C SER D 107 9.94 -12.95 31.64
N ASP D 108 8.94 -13.15 32.47
CA ASP D 108 9.09 -13.83 33.76
C ASP D 108 9.75 -15.19 33.70
N GLN D 109 9.31 -16.04 32.76
CA GLN D 109 9.91 -17.34 32.54
C GLN D 109 11.41 -17.22 32.20
N PHE D 110 11.76 -16.25 31.35
CA PHE D 110 13.16 -16.05 31.01
C PHE D 110 14.02 -15.70 32.25
N VAL D 111 13.61 -14.70 33.02
CA VAL D 111 14.41 -14.26 34.17
C VAL D 111 14.48 -15.36 35.23
N ALA D 112 13.42 -16.20 35.33
CA ALA D 112 13.37 -17.30 36.30
C ALA D 112 14.35 -18.46 36.03
N ALA D 113 14.76 -18.66 34.77
CA ALA D 113 15.68 -19.73 34.45
C ALA D 113 17.09 -19.39 34.86
N ASP D 114 17.93 -20.41 34.91
CA ASP D 114 19.34 -20.23 35.23
C ASP D 114 20.24 -20.30 34.00
N LYS D 115 19.84 -21.02 32.95
CA LYS D 115 20.66 -21.22 31.77
C LYS D 115 19.76 -21.11 30.54
N TYR D 116 20.30 -20.56 29.46
CA TYR D 116 19.59 -20.51 28.18
C TYR D 116 20.35 -21.21 27.13
N VAL D 117 19.65 -22.01 26.31
CA VAL D 117 20.26 -22.67 25.16
C VAL D 117 19.38 -22.28 23.94
N PHE D 118 19.97 -21.52 23.02
CA PHE D 118 19.30 -21.08 21.78
C PHE D 118 19.78 -22.00 20.65
N VAL D 119 18.87 -22.46 19.81
CA VAL D 119 19.15 -23.33 18.69
C VAL D 119 18.44 -22.76 17.48
N THR D 120 19.20 -22.35 16.47
CA THR D 120 18.71 -21.73 15.25
C THR D 120 19.43 -22.16 13.97
N PRO D 121 18.69 -22.19 12.88
CA PRO D 121 19.29 -22.21 11.57
C PRO D 121 19.66 -20.80 11.15
N MET D 122 20.75 -20.65 10.40
CA MET D 122 21.08 -19.34 9.87
C MET D 122 20.20 -19.19 8.62
N TRP D 123 19.14 -18.37 8.67
CA TRP D 123 18.43 -18.04 7.48
C TRP D 123 18.82 -16.68 7.03
N ASN D 124 19.32 -16.56 5.81
CA ASN D 124 19.75 -15.23 5.32
C ASN D 124 20.61 -14.44 6.32
N PHE D 125 21.62 -15.13 6.86
CA PHE D 125 22.70 -14.57 7.71
C PHE D 125 22.31 -14.38 9.15
N SER D 126 21.03 -14.57 9.48
CA SER D 126 20.58 -14.42 10.83
C SER D 126 19.63 -15.59 11.21
N PHE D 127 18.54 -15.34 11.92
CA PHE D 127 17.74 -16.47 12.50
C PHE D 127 16.35 -16.30 11.91
N PRO D 128 15.44 -17.27 12.17
CA PRO D 128 14.03 -17.08 11.85
C PRO D 128 13.43 -15.87 12.57
N PRO D 129 12.45 -15.21 11.91
CA PRO D 129 11.85 -14.04 12.56
C PRO D 129 11.36 -14.29 13.99
N VAL D 130 10.83 -15.49 14.27
CA VAL D 130 10.35 -15.77 15.62
C VAL D 130 11.43 -15.60 16.72
N MET D 131 12.68 -15.80 16.38
CA MET D 131 13.77 -15.64 17.33
C MET D 131 13.76 -14.17 17.79
N LYS D 132 13.69 -13.24 16.84
CA LYS D 132 13.53 -11.84 17.21
C LYS D 132 12.26 -11.54 18.05
N ALA D 133 11.13 -12.14 17.73
CA ALA D 133 9.90 -11.97 18.53
C ALA D 133 10.17 -12.39 19.99
N TYR D 134 10.93 -13.50 20.15
CA TYR D 134 11.25 -14.03 21.49
C TYR D 134 12.13 -13.06 22.26
N ILE D 135 13.19 -12.60 21.65
CA ILE D 135 14.07 -11.57 22.28
C ILE D 135 13.28 -10.30 22.63
N ASP D 136 12.41 -9.86 21.74
CA ASP D 136 11.54 -8.73 22.02
C ASP D 136 10.62 -8.99 23.24
N SER D 137 10.17 -10.26 23.42
CA SER D 137 9.33 -10.59 24.57
C SER D 137 10.09 -10.62 25.89
N VAL D 138 11.41 -10.89 25.86
CA VAL D 138 12.18 -11.07 27.10
C VAL D 138 13.04 -9.85 27.49
N ALA D 139 13.34 -8.96 26.56
CA ALA D 139 14.02 -7.68 26.87
C ALA D 139 13.05 -6.71 27.55
N VAL D 140 13.11 -6.63 28.89
CA VAL D 140 12.22 -5.83 29.69
C VAL D 140 13.00 -5.07 30.79
N ALA D 141 12.96 -3.74 30.72
CA ALA D 141 13.49 -2.89 31.77
C ALA D 141 13.03 -3.31 33.16
N GLY D 142 13.96 -3.47 34.08
CA GLY D 142 13.68 -3.95 35.40
C GLY D 142 13.75 -5.43 35.54
N LYS D 143 13.82 -6.16 34.43
CA LYS D 143 13.88 -7.61 34.56
C LYS D 143 15.23 -8.10 34.03
N THR D 144 15.57 -7.75 32.79
CA THR D 144 16.82 -8.26 32.14
C THR D 144 17.86 -7.19 31.97
N PHE D 145 17.44 -5.95 32.03
CA PHE D 145 18.39 -4.85 32.09
C PHE D 145 17.69 -3.71 32.81
N LYS D 146 18.45 -2.70 33.21
CA LYS D 146 17.85 -1.43 33.67
C LYS D 146 18.56 -0.22 33.11
N TYR D 147 17.85 0.90 32.99
CA TYR D 147 18.47 2.18 32.59
C TYR D 147 19.25 2.92 33.72
N THR D 148 20.43 3.48 33.41
CA THR D 148 21.24 4.31 34.36
C THR D 148 21.46 5.74 33.86
N GLU D 149 22.01 6.60 34.73
CA GLU D 149 22.48 7.92 34.32
C GLU D 149 23.74 7.75 33.46
N GLY D 151 24.37 4.75 30.65
CA GLY D 151 23.73 3.91 29.63
C GLY D 151 22.72 2.94 30.24
N SER D 152 22.79 1.66 29.84
CA SER D 152 22.03 0.56 30.49
C SER D 152 22.97 -0.39 31.20
N VAL D 153 22.47 -1.18 32.15
CA VAL D 153 23.26 -2.24 32.81
C VAL D 153 22.45 -3.51 32.77
N GLY D 154 23.09 -4.61 32.46
CA GLY D 154 22.39 -5.90 32.45
C GLY D 154 22.08 -6.44 33.84
N LEU D 155 20.94 -7.11 34.03
CA LEU D 155 20.59 -7.75 35.32
C LEU D 155 20.84 -9.22 35.40
N LEU D 156 21.15 -9.87 34.27
CA LEU D 156 21.36 -11.34 34.23
C LEU D 156 22.78 -11.78 34.49
N THR D 157 23.33 -11.23 35.56
CA THR D 157 24.72 -11.33 35.88
C THR D 157 25.12 -12.71 36.25
N ASP D 158 24.15 -13.48 36.67
CA ASP D 158 24.41 -14.80 37.12
C ASP D 158 23.91 -15.92 36.20
N LYS D 159 23.47 -15.59 35.00
CA LYS D 159 22.98 -16.58 34.10
C LYS D 159 24.12 -17.12 33.19
N LYS D 160 23.81 -18.17 32.46
CA LYS D 160 24.70 -18.72 31.48
C LYS D 160 23.91 -18.98 30.17
N ALA D 161 24.56 -18.86 29.01
CA ALA D 161 23.88 -19.10 27.74
C ALA D 161 24.78 -19.76 26.70
N LEU D 162 24.11 -20.46 25.77
CA LEU D 162 24.81 -21.17 24.69
C LEU D 162 23.91 -21.00 23.49
N HIS D 163 24.55 -20.78 22.35
CA HIS D 163 23.85 -20.78 21.07
C HIS D 163 24.41 -21.84 20.15
N ILE D 164 23.53 -22.70 19.61
CA ILE D 164 23.87 -23.70 18.61
C ILE D 164 23.29 -23.20 17.29
N GLN D 165 24.14 -23.07 16.29
CA GLN D 165 23.69 -22.51 15.00
C GLN D 165 24.18 -23.38 13.85
N ALA D 166 23.34 -23.56 12.84
CA ALA D 166 23.72 -24.31 11.63
C ALA D 166 23.70 -23.35 10.47
N SER D 167 24.60 -23.57 9.53
CA SER D 167 24.59 -22.82 8.30
C SER D 167 25.27 -23.66 7.22
N GLY D 168 24.77 -23.48 6.01
CA GLY D 168 25.34 -24.17 4.86
C GLY D 168 26.78 -23.83 4.64
N GLY D 169 27.13 -22.54 4.78
CA GLY D 169 28.51 -22.08 4.58
C GLY D 169 29.19 -21.89 5.91
N ILE D 170 30.48 -21.65 5.86
CA ILE D 170 31.27 -21.39 7.07
C ILE D 170 31.18 -19.92 7.35
N PHE D 171 30.69 -19.54 8.54
CA PHE D 171 30.64 -18.11 8.96
C PHE D 171 31.25 -17.79 10.31
N SER D 172 31.97 -18.76 10.88
CA SER D 172 32.83 -18.57 12.07
C SER D 172 34.28 -18.20 11.75
N GLU D 173 34.66 -18.15 10.47
CA GLU D 173 36.05 -17.86 10.06
C GLU D 173 36.04 -17.57 8.58
N GLY D 174 37.08 -16.89 8.12
CA GLY D 174 37.18 -16.47 6.75
C GLY D 174 36.64 -15.07 6.70
N PRO D 175 36.57 -14.51 5.47
CA PRO D 175 36.04 -13.16 5.34
C PRO D 175 34.55 -13.15 5.53
N ALA D 176 33.91 -14.33 5.33
CA ALA D 176 32.49 -14.42 5.37
C ALA D 176 31.98 -14.27 6.82
N ALA D 177 32.91 -14.35 7.81
CA ALA D 177 32.58 -14.04 9.21
C ALA D 177 31.88 -12.70 9.38
N GLU D 178 32.28 -11.70 8.57
CA GLU D 178 31.69 -10.37 8.65
C GLU D 178 30.23 -10.36 8.25
N MET D 179 29.80 -11.38 7.52
CA MET D 179 28.37 -11.49 7.20
C MET D 179 27.51 -12.17 8.23
N GLU D 180 28.10 -12.86 9.20
CA GLU D 180 27.36 -13.52 10.28
C GLU D 180 26.63 -12.47 11.10
N MET D 181 25.31 -12.64 11.17
CA MET D 181 24.50 -11.71 11.90
C MET D 181 23.58 -12.34 12.94
N GLY D 182 23.47 -13.66 12.98
CA GLY D 182 22.56 -14.30 13.94
C GLY D 182 23.20 -14.45 15.30
N HIS D 183 24.31 -15.19 15.36
CA HIS D 183 25.11 -15.26 16.56
C HIS D 183 25.53 -13.88 17.07
N ARG D 184 25.91 -13.00 16.13
CA ARG D 184 26.33 -11.63 16.45
C ARG D 184 25.21 -10.86 17.20
N TYR D 185 23.97 -10.94 16.72
CA TYR D 185 22.84 -10.26 17.38
C TYR D 185 22.59 -10.81 18.80
N LEU D 186 22.51 -12.16 18.93
CA LEU D 186 22.43 -12.85 20.23
C LEU D 186 23.53 -12.43 21.20
N GLN D 187 24.78 -12.33 20.70
CA GLN D 187 25.91 -11.85 21.52
C GLN D 187 25.65 -10.45 22.04
N ALA D 188 25.21 -9.55 21.14
CA ALA D 188 24.85 -8.21 21.50
C ALA D 188 23.79 -8.18 22.59
N ILE D 189 22.80 -9.06 22.46
CA ILE D 189 21.73 -9.10 23.44
C ILE D 189 22.14 -9.69 24.79
N MET D 190 22.93 -10.76 24.74
CA MET D 190 23.52 -11.30 25.96
C MET D 190 24.34 -10.27 26.70
N ASN D 191 25.10 -9.45 25.98
CA ASN D 191 25.87 -8.38 26.62
C ASN D 191 24.97 -7.33 27.19
N PHE D 192 23.95 -6.92 26.44
CA PHE D 192 22.91 -6.03 26.97
C PHE D 192 22.22 -6.49 28.30
N PHE D 193 22.01 -7.79 28.42
CA PHE D 193 21.40 -8.38 29.59
C PHE D 193 22.41 -8.67 30.73
N GLY D 194 23.70 -8.53 30.44
CA GLY D 194 24.81 -8.82 31.39
C GLY D 194 25.09 -10.25 31.66
N VAL D 195 24.79 -11.13 30.69
CA VAL D 195 25.04 -12.54 30.82
C VAL D 195 26.50 -12.72 30.56
N PRO D 196 27.26 -13.23 31.53
CA PRO D 196 28.72 -13.18 31.41
C PRO D 196 29.33 -14.29 30.66
N SER D 197 28.58 -15.35 30.34
CA SER D 197 29.19 -16.51 29.72
C SER D 197 28.30 -16.79 28.54
N PHE D 198 28.77 -16.43 27.33
CA PHE D 198 28.01 -16.76 26.10
C PHE D 198 28.85 -17.63 25.17
N GLU D 199 28.39 -18.88 24.98
CA GLU D 199 29.10 -19.87 24.20
C GLU D 199 28.38 -20.04 22.87
N GLY D 200 29.14 -20.45 21.85
CA GLY D 200 28.57 -20.77 20.55
C GLY D 200 29.11 -22.08 20.09
N LEU D 201 28.31 -22.79 19.33
CA LEU D 201 28.67 -24.02 18.79
C LEU D 201 28.01 -24.00 17.41
N PHE D 202 28.79 -24.32 16.39
CA PHE D 202 28.36 -24.17 15.00
C PHE D 202 28.45 -25.49 14.23
N VAL D 203 27.37 -25.82 13.52
CA VAL D 203 27.39 -26.89 12.52
C VAL D 203 27.35 -26.18 11.16
N GLU D 204 28.52 -26.07 10.53
CA GLU D 204 28.69 -25.15 9.44
C GLU D 204 29.48 -25.78 8.29
N GLY D 205 29.05 -25.49 7.05
CA GLY D 205 29.76 -25.95 5.83
C GLY D 205 29.20 -27.15 5.07
N GLN D 206 28.20 -27.79 5.66
CA GLN D 206 27.49 -28.93 5.07
C GLN D 206 26.85 -28.74 3.68
N ASN D 207 26.55 -27.51 3.30
CA ASN D 207 26.03 -27.19 1.95
C ASN D 207 27.13 -26.69 1.02
N ALA D 208 28.16 -26.07 1.57
CA ALA D 208 29.35 -25.67 0.82
C ALA D 208 30.25 -26.84 0.41
N MET D 209 30.34 -27.89 1.25
CA MET D 209 31.17 -29.10 1.03
C MET D 209 30.31 -30.38 1.23
N PRO D 210 29.43 -30.71 0.27
CA PRO D 210 28.40 -31.75 0.50
C PRO D 210 28.93 -33.14 0.85
N ASP D 211 30.05 -33.53 0.26
CA ASP D 211 30.84 -34.74 0.62
C ASP D 211 31.17 -34.86 2.11
N LYS D 212 31.40 -33.70 2.75
CA LYS D 212 31.79 -33.65 4.16
C LYS D 212 30.59 -33.44 5.13
N ALA D 213 29.38 -33.39 4.59
CA ALA D 213 28.17 -33.14 5.38
C ALA D 213 28.03 -34.06 6.62
N GLN D 214 28.19 -35.37 6.41
CA GLN D 214 28.07 -36.32 7.53
C GLN D 214 29.17 -36.13 8.58
N GLU D 215 30.39 -35.95 8.09
CA GLU D 215 31.51 -35.70 9.00
C GLU D 215 31.35 -34.37 9.77
N ILE D 216 30.94 -33.32 9.08
CA ILE D 216 30.64 -32.07 9.75
C ILE D 216 29.63 -32.25 10.89
N LYS D 217 28.49 -32.88 10.59
CA LYS D 217 27.43 -33.09 11.54
C LYS D 217 27.88 -33.95 12.72
N GLU D 218 28.48 -35.09 12.42
CA GLU D 218 28.97 -35.99 13.47
C GLU D 218 29.97 -35.31 14.40
N LYS D 219 30.86 -34.47 13.84
CA LYS D 219 31.83 -33.76 14.65
C LYS D 219 31.17 -32.70 15.54
N ALA D 220 30.19 -31.95 15.02
CA ALA D 220 29.45 -30.97 15.83
C ALA D 220 28.63 -31.71 16.92
N ILE D 221 28.07 -32.89 16.59
CA ILE D 221 27.28 -33.69 17.54
C ILE D 221 28.21 -34.08 18.71
N ALA D 222 29.39 -34.62 18.39
CA ALA D 222 30.38 -34.97 19.40
C ALA D 222 30.79 -33.77 20.22
N ARG D 223 31.04 -32.58 19.61
CA ARG D 223 31.33 -31.40 20.41
C ARG D 223 30.24 -30.95 21.39
N ALA D 224 29.01 -30.91 20.88
CA ALA D 224 27.79 -30.69 21.66
C ALA D 224 27.65 -31.64 22.88
N LYS D 225 27.65 -32.96 22.66
CA LYS D 225 27.66 -33.92 23.79
C LYS D 225 28.75 -33.63 24.81
N ASP D 226 29.98 -33.44 24.36
CA ASP D 226 31.05 -33.03 25.28
C ASP D 226 30.78 -31.70 26.05
N LEU D 227 30.29 -30.69 25.36
CA LEU D 227 29.99 -29.52 26.12
C LEU D 227 28.81 -29.64 27.09
N ALA D 228 27.88 -30.54 26.79
CA ALA D 228 26.78 -30.83 27.74
C ALA D 228 27.28 -31.39 29.10
N HIS D 229 28.46 -32.00 29.11
CA HIS D 229 29.09 -32.45 30.38
C HIS D 229 29.51 -31.34 31.32
N THR D 230 29.77 -30.13 30.82
CA THR D 230 30.20 -29.04 31.68
C THR D 230 29.23 -27.85 31.78
N PHE D 231 28.33 -27.69 30.80
CA PHE D 231 27.47 -26.54 30.73
C PHE D 231 26.65 -26.45 31.99
N1 FMN E . -19.44 18.67 -0.52
C2 FMN E . -20.69 18.34 -0.96
O2 FMN E . -21.53 18.09 -0.12
N3 FMN E . -20.96 18.29 -2.27
C4 FMN E . -20.07 18.49 -3.26
O4 FMN E . -20.45 18.43 -4.40
C4A FMN E . -18.71 18.89 -2.86
N5 FMN E . -17.75 19.20 -3.72
C5A FMN E . -16.54 19.51 -3.33
C6 FMN E . -15.61 19.76 -4.31
C7 FMN E . -14.32 20.06 -3.98
C7M FMN E . -13.28 20.32 -4.98
C8 FMN E . -13.88 20.16 -2.59
C8M FMN E . -12.40 20.55 -2.49
C9 FMN E . -14.78 19.90 -1.54
C9A FMN E . -16.10 19.55 -1.88
N10 FMN E . -17.14 19.31 -0.91
C10 FMN E . -18.44 18.96 -1.40
C1' FMN E . -16.89 19.29 0.54
C2' FMN E . -16.29 17.91 0.85
O2' FMN E . -17.12 16.89 0.27
C3' FMN E . -16.26 17.69 2.34
O3' FMN E . -15.41 18.73 2.87
C4' FMN E . -15.94 16.24 2.77
O4' FMN E . -15.68 16.14 4.21
C5' FMN E . -14.84 15.70 1.85
O5' FMN E . -14.20 14.51 2.20
P FMN E . -12.89 14.57 3.02
O1P FMN E . -11.94 15.27 2.19
O2P FMN E . -12.58 13.15 3.23
O3P FMN E . -13.20 15.26 4.27
O1 PE8 F . -6.26 16.19 17.94
C2 PE8 F . -7.54 15.96 18.52
C3 PE8 F . -8.05 14.64 17.96
O4 PE8 F . -9.38 14.80 17.47
C5 PE8 F . -9.51 15.53 16.23
C6 PE8 F . -10.53 16.63 16.44
O7 PE8 F . -11.83 16.12 16.18
C8 PE8 F . -12.89 17.07 16.38
C9 PE8 F . -13.18 17.93 15.17
O10 PE8 F . -14.04 17.25 14.23
C11 PE8 F . -13.95 17.79 12.89
C12 PE8 F . -12.87 16.99 12.17
O13 PE8 F . -12.33 17.35 10.91
C14 PE8 F . -11.53 16.34 10.18
C15 PE8 F . -10.99 15.26 11.06
O16 PE8 F . -10.18 14.28 10.45
C17 PE8 F . -9.20 13.76 11.34
C18 PE8 F . -9.77 13.11 12.58
O19 PE8 F . -8.99 12.02 13.06
C20 PE8 F . -9.72 11.05 13.82
C21 PE8 F . -9.95 11.56 15.24
O22 PE8 F . -11.32 11.41 15.62
C23 PE8 F . -11.55 11.38 17.04
C24 PE8 F . -11.75 12.83 17.49
O25 PE8 F . -13.13 13.09 17.63
N1 FMN G . 15.69 2.46 21.60
C2 FMN G . 17.02 2.35 21.49
O2 FMN G . 17.66 3.43 21.45
N3 FMN G . 17.59 1.10 21.44
C4 FMN G . 16.88 -0.05 21.45
O4 FMN G . 17.48 -1.10 21.43
C4A FMN G . 15.38 0.07 21.61
N5 FMN G . 14.50 -0.95 21.72
C5A FMN G . 13.15 -0.78 21.82
C6 FMN G . 12.32 -1.88 21.88
C7 FMN G . 10.96 -1.79 21.97
C7M FMN G . 10.10 -2.98 22.00
C8 FMN G . 10.30 -0.52 22.01
C8M FMN G . 8.78 -0.65 22.13
C9 FMN G . 11.09 0.67 21.95
C9A FMN G . 12.51 0.57 21.86
N10 FMN G . 13.42 1.68 21.80
C10 FMN G . 14.84 1.45 21.67
C1' FMN G . 12.94 3.08 21.78
C2' FMN G . 12.66 3.37 20.28
O2' FMN G . 13.79 3.14 19.44
C3' FMN G . 12.23 4.80 20.10
O3' FMN G . 11.08 5.10 20.93
C4' FMN G . 12.16 5.24 18.64
O4' FMN G . 11.67 6.62 18.58
C5' FMN G . 11.48 4.18 17.75
O5' FMN G . 11.08 4.65 16.50
P FMN G . 9.67 5.18 16.29
O1P FMN G . 8.81 4.24 16.98
O2P FMN G . 9.52 5.18 14.83
O3P FMN G . 9.60 6.54 16.85
N1 FMN H . -19.47 0.97 -24.35
C2 FMN H . -20.65 1.02 -23.73
O2 FMN H . -21.70 0.94 -24.40
N3 FMN H . -20.65 1.11 -22.40
C4 FMN H . -19.57 1.19 -21.61
O4 FMN H . -19.84 1.26 -20.44
C4A FMN H . -18.22 1.14 -22.24
N5 FMN H . -17.01 1.18 -21.67
C5A FMN H . -15.83 1.19 -22.36
C6 FMN H . -14.62 1.26 -21.70
C7 FMN H . -13.45 1.28 -22.40
C7M FMN H . -12.14 1.36 -21.74
C8 FMN H . -13.37 1.15 -23.85
C8M FMN H . -11.93 1.17 -24.36
C9 FMN H . -14.58 1.06 -24.59
C9A FMN H . -15.78 1.12 -23.87
N10 FMN H . -17.06 1.05 -24.47
C10 FMN H . -18.27 1.05 -23.69
C1' FMN H . -17.18 0.94 -25.91
C2' FMN H . -17.18 2.36 -26.44
O2' FMN H . -18.23 3.06 -25.82
C3' FMN H . -17.50 2.28 -27.92
O3' FMN H . -16.35 1.80 -28.65
C4' FMN H . -18.05 3.61 -28.41
O4' FMN H . -18.27 3.58 -29.87
C5' FMN H . -17.21 4.76 -27.83
O5' FMN H . -17.26 6.02 -28.48
P FMN H . -16.14 6.44 -29.44
O1P FMN H . -14.89 6.01 -28.87
O2P FMN H . -16.31 7.84 -29.58
O3P FMN H . -16.59 5.69 -30.60
N1 FMN I . 22.43 -21.19 4.53
C2 FMN I . 23.50 -20.34 4.66
O2 FMN I . 24.69 -20.76 4.68
N3 FMN I . 23.37 -18.98 4.74
C4 FMN I . 22.18 -18.38 4.73
O4 FMN I . 22.20 -17.18 4.85
C4A FMN I . 20.92 -19.24 4.53
N5 FMN I . 19.70 -18.78 4.46
C5A FMN I . 18.58 -19.56 4.38
C6 FMN I . 17.36 -18.97 4.38
C7 FMN I . 16.20 -19.64 4.27
C7M FMN I . 14.94 -18.87 4.25
C8 FMN I . 16.20 -21.07 4.17
C8M FMN I . 14.89 -21.76 4.02
C9 FMN I . 17.45 -21.71 4.20
C9A FMN I . 18.66 -21.01 4.31
N10 FMN I . 19.97 -21.57 4.34
C10 FMN I . 21.12 -20.71 4.47
C1' FMN I . 20.19 -23.03 4.31
C2' FMN I . 20.54 -23.36 5.76
O2' FMN I . 21.73 -22.71 6.10
C3' FMN I . 20.78 -24.80 6.05
O3' FMN I . 19.57 -25.45 6.42
C4' FMN I . 21.60 -24.91 7.28
O4' FMN I . 22.06 -26.29 7.31
C5' FMN I . 20.57 -24.41 8.32
O5' FMN I . 20.20 -25.22 9.35
P FMN I . 19.24 -26.44 9.46
O1P FMN I . 17.96 -26.07 8.85
O2P FMN I . 19.17 -26.58 10.90
O3P FMN I . 19.98 -27.52 8.80
O1 PE8 J . 16.33 -47.55 8.20
C2 PE8 J . 17.26 -46.57 7.75
C3 PE8 J . 16.65 -45.17 7.89
O4 PE8 J . 17.16 -44.53 9.06
C5 PE8 J . 16.87 -43.12 9.15
C6 PE8 J . 17.75 -42.48 10.22
O7 PE8 J . 18.91 -41.91 9.61
C8 PE8 J . 19.79 -41.19 10.49
C9 PE8 J . 21.24 -41.22 10.01
O10 PE8 J . 21.74 -39.90 9.68
C11 PE8 J . 22.96 -39.82 8.90
C12 PE8 J . 22.80 -38.84 7.73
O13 PE8 J . 23.68 -37.68 7.76
C14 PE8 J . 23.67 -36.92 6.54
C15 PE8 J . 23.82 -35.39 6.71
O16 PE8 J . 22.58 -34.66 6.56
C17 PE8 J . 21.72 -34.82 7.66
C18 PE8 J . 20.47 -33.92 7.75
O19 PE8 J . 20.12 -33.67 9.12
C20 PE8 J . 20.30 -34.71 10.09
C21 PE8 J . 19.15 -34.82 11.05
O22 PE8 J . 19.17 -36.15 11.59
C23 PE8 J . 20.20 -36.49 12.53
C24 PE8 J . 19.60 -36.85 13.90
O25 PE8 J . 20.54 -37.63 14.64
#